data_1XM4
#
_entry.id   1XM4
#
_cell.length_a   89.573
_cell.length_b   94.317
_cell.length_c   106.681
_cell.angle_alpha   90.00
_cell.angle_beta   90.00
_cell.angle_gamma   90.00
#
_symmetry.space_group_name_H-M   'P 21 21 21'
#
loop_
_entity.id
_entity.type
_entity.pdbx_description
1 polymer "cAMP-specific 3',5'-cyclic phosphodiesterase 4B"
2 polymer "cAMP-specific 3',5'-cyclic phosphodiesterase 4B"
3 non-polymer 'ZINC ION'
4 non-polymer 'MAGNESIUM ION'
5 non-polymer 3-(CYCLOPENTYLOXY)-N-(3,5-DICHLOROPYRIDIN-4-YL)-4-METHOXYBENZAMIDE
6 water water
#
loop_
_entity_poly.entity_id
_entity_poly.type
_entity_poly.pdbx_seq_one_letter_code
_entity_poly.pdbx_strand_id
1 'polypeptide(L)'
;MGSSHHHHHHSSGLVPRGSHMSISRFGVNTENEDHLAKELEDLNKWGLNIFNVAGYSHNRPLT(CME)IMYAIFQERDLL
KTFRISSDTFITYMMTLEDHYHSDVAYHNSLHAADVAQSTHVLLSTPALDAVFTDLEILAAIFAAAIHDVDHPGVSNQFL
INTNSELALMYNDESVLENHHLAVGFKLLQEEHCDIFMNLTKKQRQTLRKMVIDMVLATDMSKHMSLLADLKTMVETKKV
TSSGVLLLDNYTDRIQVLRNMVHCADLSNPTKSLELYRQWTDRIMEEFFQQGDKERERGMEISPM(CME)DKHTASVEKS
QVGFIDYIVHPLWETWADLVQPDAQDILDTLEDNRNWYQSMIPQSPSPPLDEQNRDCQGLMEKFQFELTLDEEDSEGPEK
EGEGHS
;
A
2 'polypeptide(L)'
;MGSSHHHHHHSSGLVPRGSHMSISRFGVNTENEDHLAKELEDLNKWGLNIFNVAGYSHNRPLT(CME)IMYAIFQERDLL
KTFRISSDTFITYMMTLEDHYHSDVAYHNSLHAADVAQSTHVLLSTPALDAVFTDLEILAAIFAAAIHDVDHPGVSNQFL
INTNSELALMYNDESVLENHHLAVGFKLLQEEH(CME)DIFMNLTKKQRQTLRKMVIDMVLATDMSKHMSLLADLKTMVE
TKKVTSSGVLLLDNYTDRIQVLRNMVHCADLSNPTKSLELYRQWTDRIMEEFFQQGDKERERGMEISPMCDKHTASVEKS
QVGFIDYIVHPLWETWADLVQPDAQDILDTLEDNRNWYQSMIPQSPSPPLDEQNRDCQGLMEKFQFELTLDEEDSEGPEK
EGEGHS
;
B
#
loop_
_chem_comp.id
_chem_comp.type
_chem_comp.name
_chem_comp.formula
MG non-polymer 'MAGNESIUM ION' 'Mg 2'
PIL non-polymer 3-(CYCLOPENTYLOXY)-N-(3,5-DICHLOROPYRIDIN-4-YL)-4-METHOXYBENZAMIDE 'C18 H18 Cl2 N2 O3'
ZN non-polymer 'ZINC ION' 'Zn 2'
#
# COMPACT_ATOMS: atom_id res chain seq x y z
N GLU A 33 3.55 33.83 -25.87
CA GLU A 33 3.64 34.82 -27.00
C GLU A 33 2.36 34.77 -27.86
N ASP A 34 2.41 35.31 -29.08
CA ASP A 34 1.25 35.25 -29.96
C ASP A 34 0.83 33.80 -30.28
N HIS A 35 1.79 32.87 -30.46
CA HIS A 35 1.44 31.47 -30.77
C HIS A 35 0.91 30.68 -29.57
N LEU A 36 1.48 30.92 -28.39
CA LEU A 36 1.04 30.24 -27.17
C LEU A 36 -0.39 30.64 -26.85
N ALA A 37 -0.69 31.94 -26.93
CA ALA A 37 -2.02 32.47 -26.71
C ALA A 37 -3.04 31.89 -27.73
N LYS A 38 -2.67 31.78 -29.02
CA LYS A 38 -3.58 31.20 -30.01
C LYS A 38 -3.85 29.74 -29.64
N GLU A 39 -2.80 29.01 -29.28
CA GLU A 39 -2.96 27.61 -28.89
C GLU A 39 -3.84 27.42 -27.61
N LEU A 40 -3.67 28.27 -26.59
CA LEU A 40 -4.47 28.16 -25.36
C LEU A 40 -5.95 28.59 -25.54
N GLU A 41 -6.31 29.18 -26.68
CA GLU A 41 -7.74 29.42 -27.00
C GLU A 41 -8.51 28.08 -27.04
N ASP A 42 -7.79 26.97 -27.20
CA ASP A 42 -8.32 25.60 -27.18
C ASP A 42 -8.21 24.94 -25.75
N LEU A 43 -7.97 25.75 -24.71
CA LEU A 43 -7.73 25.22 -23.36
C LEU A 43 -8.82 24.27 -22.86
N ASN A 44 -10.07 24.59 -23.15
CA ASN A 44 -11.19 23.78 -22.73
C ASN A 44 -11.58 22.74 -23.76
N LYS A 45 -10.71 22.44 -24.71
CA LYS A 45 -11.05 21.53 -25.79
C LYS A 45 -10.11 20.34 -25.87
N TRP A 46 -10.69 19.22 -26.30
CA TRP A 46 -10.01 17.97 -26.54
C TRP A 46 -8.93 18.14 -27.59
N GLY A 47 -9.19 19.00 -28.57
CA GLY A 47 -8.30 19.28 -29.67
C GLY A 47 -7.04 20.07 -29.29
N LEU A 48 -6.85 20.43 -28.01
CA LEU A 48 -5.66 21.17 -27.64
C LEU A 48 -4.40 20.38 -28.00
N ASN A 49 -3.42 21.09 -28.55
CA ASN A 49 -2.15 20.50 -28.90
C ASN A 49 -1.09 20.86 -27.87
N ILE A 50 -0.82 19.93 -26.95
CA ILE A 50 0.13 20.12 -25.86
C ILE A 50 1.59 20.18 -26.35
N PHE A 51 1.92 19.54 -27.47
CA PHE A 51 3.29 19.63 -28.00
C PHE A 51 3.58 21.10 -28.39
N ASN A 52 2.57 21.75 -28.97
CA ASN A 52 2.70 23.17 -29.33
C ASN A 52 2.86 24.03 -28.08
N VAL A 53 2.04 23.80 -27.04
CA VAL A 53 2.22 24.61 -25.83
C VAL A 53 3.62 24.44 -25.25
N ALA A 54 4.13 23.21 -25.28
CA ALA A 54 5.49 22.92 -24.83
C ALA A 54 6.53 23.78 -25.59
N GLY A 55 6.39 23.87 -26.90
CA GLY A 55 7.29 24.63 -27.74
C GLY A 55 7.37 26.11 -27.39
N TYR A 56 6.25 26.67 -26.97
CA TYR A 56 6.13 28.11 -26.68
C TYR A 56 6.24 28.47 -25.21
N SER A 57 6.47 27.51 -24.35
CA SER A 57 6.59 27.77 -22.91
C SER A 57 7.96 27.39 -22.30
N HIS A 58 9.01 27.29 -23.13
CA HIS A 58 10.37 26.93 -22.66
C HIS A 58 10.37 25.55 -22.11
N ASN A 59 9.72 24.66 -22.85
CA ASN A 59 9.57 23.31 -22.42
C ASN A 59 9.17 23.26 -20.93
N ARG A 60 8.21 24.09 -20.56
CA ARG A 60 7.58 24.00 -19.23
C ARG A 60 6.03 23.83 -19.43
N PRO A 61 5.62 22.83 -20.22
CA PRO A 61 4.18 22.62 -20.49
C PRO A 61 3.32 22.42 -19.25
N LEU A 62 3.86 21.70 -18.28
CA LEU A 62 3.07 21.38 -17.10
C LEU A 62 2.77 22.63 -16.30
N THR A 63 3.76 23.53 -16.17
CA THR A 63 3.59 24.76 -15.44
C THR A 63 2.67 25.69 -16.20
N CME A 64 2.86 25.80 -17.53
CA CME A 64 1.99 26.67 -18.33
CB CME A 64 2.55 26.65 -19.74
SG CME A 64 1.64 27.74 -20.75
SD CME A 64 1.87 29.65 -19.92
CE CME A 64 0.48 30.76 -20.04
CZ CME A 64 -0.44 30.44 -18.89
OH CME A 64 -1.69 31.09 -19.07
C CME A 64 0.57 26.17 -18.30
O CME A 64 -0.34 26.95 -17.95
N ILE A 65 0.33 24.89 -18.61
CA ILE A 65 -1.06 24.40 -18.63
C ILE A 65 -1.76 24.40 -17.24
N MET A 66 -1.02 24.13 -16.19
CA MET A 66 -1.63 24.13 -14.87
C MET A 66 -2.06 25.56 -14.48
N TYR A 67 -1.21 26.54 -14.80
CA TYR A 67 -1.51 27.93 -14.52
C TYR A 67 -2.69 28.39 -15.42
N ALA A 68 -2.73 28.01 -16.70
CA ALA A 68 -3.90 28.37 -17.52
C ALA A 68 -5.18 27.72 -16.92
N ILE A 69 -5.14 26.41 -16.70
CA ILE A 69 -6.28 25.70 -16.09
C ILE A 69 -6.78 26.39 -14.76
N PHE A 70 -5.88 26.77 -13.86
CA PHE A 70 -6.26 27.32 -12.55
C PHE A 70 -6.86 28.72 -12.65
N GLN A 71 -6.41 29.49 -13.64
CA GLN A 71 -6.96 30.81 -13.94
C GLN A 71 -8.34 30.69 -14.60
N GLU A 72 -8.44 29.82 -15.59
CA GLU A 72 -9.71 29.60 -16.26
C GLU A 72 -10.81 29.28 -15.25
N ARG A 73 -10.50 28.37 -14.33
CA ARG A 73 -11.45 27.87 -13.33
C ARG A 73 -11.51 28.63 -12.03
N ASP A 74 -10.73 29.72 -11.90
CA ASP A 74 -10.69 30.57 -10.70
C ASP A 74 -10.32 29.88 -9.41
N LEU A 75 -9.46 28.87 -9.51
CA LEU A 75 -9.06 28.10 -8.33
C LEU A 75 -8.11 28.86 -7.37
N LEU A 76 -7.25 29.73 -7.91
CA LEU A 76 -6.36 30.54 -7.08
C LEU A 76 -7.20 31.46 -6.18
N LYS A 77 -8.22 32.08 -6.78
CA LYS A 77 -9.13 32.93 -6.06
C LYS A 77 -9.89 32.14 -4.99
N THR A 78 -10.57 31.08 -5.43
CA THR A 78 -11.41 30.25 -4.57
C THR A 78 -10.73 29.70 -3.32
N PHE A 79 -9.49 29.22 -3.46
CA PHE A 79 -8.72 28.63 -2.38
C PHE A 79 -7.58 29.51 -1.87
N ARG A 80 -7.66 30.83 -2.10
CA ARG A 80 -6.63 31.81 -1.69
C ARG A 80 -5.19 31.27 -1.94
N ILE A 81 -4.99 30.66 -3.09
CA ILE A 81 -3.68 30.18 -3.44
C ILE A 81 -2.90 31.33 -4.05
N SER A 82 -1.79 31.69 -3.41
CA SER A 82 -0.87 32.67 -3.94
C SER A 82 -0.33 32.25 -5.32
N SER A 83 -0.18 33.24 -6.19
CA SER A 83 0.27 33.01 -7.56
C SER A 83 1.74 32.59 -7.60
N ASP A 84 2.57 33.22 -6.80
CA ASP A 84 3.99 32.94 -6.79
C ASP A 84 4.22 31.58 -6.19
N THR A 85 3.48 31.29 -5.12
CA THR A 85 3.53 30.00 -4.46
C THR A 85 3.12 28.87 -5.42
N PHE A 86 2.06 29.08 -6.19
CA PHE A 86 1.57 28.02 -7.08
C PHE A 86 2.54 27.76 -8.22
N ILE A 87 3.18 28.80 -8.70
CA ILE A 87 4.11 28.69 -9.81
C ILE A 87 5.36 28.04 -9.31
N THR A 88 5.81 28.42 -8.12
CA THR A 88 7.02 27.84 -7.55
C THR A 88 6.79 26.32 -7.33
N TYR A 89 5.63 25.94 -6.81
CA TYR A 89 5.30 24.51 -6.66
C TYR A 89 5.27 23.80 -7.98
N MET A 90 4.66 24.42 -9.00
CA MET A 90 4.49 23.74 -10.29
C MET A 90 5.81 23.61 -11.00
N MET A 91 6.67 24.61 -10.92
CA MET A 91 7.97 24.50 -11.59
C MET A 91 8.88 23.44 -10.92
N THR A 92 8.78 23.30 -9.60
CA THR A 92 9.51 22.29 -8.87
C THR A 92 8.93 20.89 -9.19
N LEU A 93 7.61 20.78 -9.23
CA LEU A 93 6.97 19.53 -9.58
C LEU A 93 7.46 19.08 -10.96
N GLU A 94 7.39 20.02 -11.91
CA GLU A 94 7.81 19.81 -13.30
C GLU A 94 9.26 19.36 -13.42
N ASP A 95 10.12 20.01 -12.66
CA ASP A 95 11.53 19.71 -12.68
C ASP A 95 11.85 18.34 -12.14
N HIS A 96 10.91 17.76 -11.38
CA HIS A 96 10.99 16.42 -10.83
C HIS A 96 10.50 15.31 -11.83
N TYR A 97 9.88 15.69 -12.96
CA TYR A 97 9.63 14.71 -14.04
C TYR A 97 11.01 14.69 -14.76
N HIS A 98 11.41 13.54 -15.27
CA HIS A 98 12.70 13.36 -15.96
C HIS A 98 12.53 13.68 -17.42
N SER A 99 13.25 14.70 -17.87
CA SER A 99 13.22 15.12 -19.26
C SER A 99 13.91 14.14 -20.26
N ASP A 100 14.67 13.19 -19.77
CA ASP A 100 15.36 12.20 -20.64
C ASP A 100 14.62 10.83 -20.64
N VAL A 101 13.39 10.83 -20.21
CA VAL A 101 12.54 9.65 -20.23
C VAL A 101 11.59 9.99 -21.39
N ALA A 102 11.46 9.10 -22.39
CA ALA A 102 10.73 9.43 -23.62
C ALA A 102 9.23 9.68 -23.50
N TYR A 103 8.54 8.95 -22.66
CA TYR A 103 7.09 9.18 -22.54
C TYR A 103 6.70 9.75 -21.18
N HIS A 104 7.13 9.16 -20.07
CA HIS A 104 6.64 9.62 -18.75
C HIS A 104 7.38 10.89 -18.20
N ASN A 105 7.41 11.96 -19.00
CA ASN A 105 8.04 13.24 -18.68
C ASN A 105 6.93 14.31 -18.41
N SER A 106 7.30 15.57 -18.29
CA SER A 106 6.29 16.55 -17.94
C SER A 106 5.25 16.79 -19.02
N LEU A 107 5.54 16.47 -20.27
CA LEU A 107 4.53 16.65 -21.31
C LEU A 107 3.31 15.73 -21.09
N HIS A 108 3.55 14.50 -20.65
CA HIS A 108 2.47 13.56 -20.38
C HIS A 108 1.61 14.05 -19.15
N ALA A 109 2.26 14.55 -18.12
CA ALA A 109 1.51 15.04 -16.95
C ALA A 109 0.63 16.23 -17.41
N ALA A 110 1.24 17.09 -18.23
CA ALA A 110 0.52 18.25 -18.72
C ALA A 110 -0.71 17.81 -19.53
N ASP A 111 -0.55 16.78 -20.35
CA ASP A 111 -1.60 16.27 -21.19
C ASP A 111 -2.70 15.65 -20.36
N VAL A 112 -2.35 14.88 -19.34
CA VAL A 112 -3.35 14.26 -18.52
C VAL A 112 -4.14 15.32 -17.70
N ALA A 113 -3.43 16.36 -17.29
CA ALA A 113 -4.05 17.43 -16.52
C ALA A 113 -5.05 18.21 -17.36
N GLN A 114 -4.63 18.67 -18.56
CA GLN A 114 -5.52 19.37 -19.49
C GLN A 114 -6.69 18.46 -19.89
N SER A 115 -6.43 17.19 -20.21
CA SER A 115 -7.50 16.26 -20.56
C SER A 115 -8.48 16.13 -19.41
N THR A 116 -7.97 16.05 -18.18
CA THR A 116 -8.84 15.97 -17.02
C THR A 116 -9.70 17.26 -16.90
N HIS A 117 -9.09 18.40 -17.13
CA HIS A 117 -9.78 19.66 -17.11
C HIS A 117 -11.02 19.66 -18.06
N VAL A 118 -10.89 19.07 -19.24
CA VAL A 118 -11.97 19.04 -20.18
C VAL A 118 -13.07 18.10 -19.73
N LEU A 119 -12.66 16.92 -19.24
CA LEU A 119 -13.60 15.88 -18.77
C LEU A 119 -14.49 16.36 -17.67
N LEU A 120 -13.92 17.17 -16.78
CA LEU A 120 -14.65 17.74 -15.66
C LEU A 120 -15.76 18.71 -16.08
N SER A 121 -15.69 19.26 -17.30
CA SER A 121 -16.74 20.14 -17.87
C SER A 121 -17.80 19.38 -18.71
N THR A 122 -17.71 18.05 -18.76
CA THR A 122 -18.64 17.26 -19.57
C THR A 122 -20.06 17.61 -19.12
N PRO A 123 -20.95 17.90 -20.06
CA PRO A 123 -22.33 18.28 -19.73
C PRO A 123 -23.01 17.35 -18.74
N ALA A 124 -22.84 16.05 -18.89
CA ALA A 124 -23.49 15.15 -17.96
C ALA A 124 -22.99 15.32 -16.50
N LEU A 125 -21.81 15.89 -16.28
CA LEU A 125 -21.30 16.07 -14.91
C LEU A 125 -21.43 17.47 -14.34
N ASP A 126 -22.25 18.29 -14.95
CA ASP A 126 -22.37 19.69 -14.54
C ASP A 126 -22.96 19.89 -13.12
N ALA A 127 -22.16 20.57 -12.28
CA ALA A 127 -22.55 21.00 -10.94
C ALA A 127 -22.51 19.91 -9.89
N VAL A 128 -22.00 18.75 -10.28
CA VAL A 128 -21.92 17.57 -9.44
C VAL A 128 -20.80 17.59 -8.41
N PHE A 129 -19.65 18.09 -8.85
CA PHE A 129 -18.46 18.17 -8.05
C PHE A 129 -18.28 19.51 -7.33
N THR A 130 -17.78 19.43 -6.12
CA THR A 130 -17.44 20.62 -5.35
C THR A 130 -16.19 21.16 -6.00
N ASP A 131 -15.85 22.42 -5.66
CA ASP A 131 -14.59 23.02 -6.12
C ASP A 131 -13.41 22.23 -5.56
N LEU A 132 -13.56 21.68 -4.34
CA LEU A 132 -12.47 20.89 -3.71
C LEU A 132 -12.12 19.63 -4.54
N GLU A 133 -13.12 18.94 -5.05
CA GLU A 133 -12.96 17.72 -5.85
C GLU A 133 -12.37 18.05 -7.21
N ILE A 134 -12.76 19.19 -7.75
CA ILE A 134 -12.23 19.61 -9.04
C ILE A 134 -10.75 19.89 -8.85
N LEU A 135 -10.40 20.59 -7.77
CA LEU A 135 -9.00 20.87 -7.42
C LEU A 135 -8.15 19.58 -7.25
N ALA A 136 -8.65 18.60 -6.47
CA ALA A 136 -7.92 17.36 -6.24
C ALA A 136 -7.66 16.54 -7.52
N ALA A 137 -8.65 16.50 -8.41
CA ALA A 137 -8.54 15.78 -9.70
C ALA A 137 -7.48 16.32 -10.61
N ILE A 138 -7.50 17.64 -10.79
CA ILE A 138 -6.54 18.29 -11.65
C ILE A 138 -5.16 18.20 -10.99
N PHE A 139 -5.07 18.47 -9.68
CA PHE A 139 -3.79 18.28 -8.97
C PHE A 139 -3.28 16.85 -9.11
N ALA A 140 -4.20 15.87 -9.03
CA ALA A 140 -3.78 14.50 -9.08
C ALA A 140 -3.16 14.19 -10.44
N ALA A 141 -3.79 14.73 -11.47
CA ALA A 141 -3.35 14.53 -12.85
C ALA A 141 -1.93 14.98 -13.04
N ALA A 142 -1.66 16.12 -12.45
CA ALA A 142 -0.39 16.80 -12.54
C ALA A 142 0.77 16.08 -11.88
N ILE A 143 0.54 15.45 -10.73
CA ILE A 143 1.60 14.78 -9.98
C ILE A 143 1.61 13.30 -10.23
N HIS A 144 0.58 12.81 -10.93
CA HIS A 144 0.39 11.40 -11.06
C HIS A 144 1.54 10.52 -11.56
N ASP A 145 2.54 11.08 -12.22
CA ASP A 145 3.67 10.25 -12.71
C ASP A 145 5.01 10.85 -12.37
N VAL A 146 5.04 11.82 -11.43
CA VAL A 146 6.28 12.52 -11.10
C VAL A 146 7.46 11.59 -10.68
N ASP A 147 8.67 11.96 -11.09
CA ASP A 147 9.88 11.20 -10.83
C ASP A 147 9.83 9.74 -11.39
N HIS A 148 9.14 9.54 -12.52
CA HIS A 148 9.00 8.25 -13.21
C HIS A 148 10.38 7.98 -13.85
N PRO A 149 10.95 6.79 -13.64
CA PRO A 149 12.28 6.45 -14.16
C PRO A 149 12.30 5.82 -15.55
N GLY A 150 11.15 5.62 -16.19
CA GLY A 150 11.07 5.06 -17.52
C GLY A 150 11.02 3.55 -17.59
N VAL A 151 10.77 2.92 -16.45
CA VAL A 151 10.66 1.46 -16.40
C VAL A 151 9.43 1.12 -15.57
N SER A 152 8.89 -0.07 -15.79
CA SER A 152 7.61 -0.47 -15.19
C SER A 152 7.75 -0.98 -13.74
N ASN A 153 6.59 -1.15 -13.08
CA ASN A 153 6.54 -1.68 -11.71
C ASN A 153 7.23 -3.04 -11.73
N GLN A 154 6.89 -3.88 -12.72
CA GLN A 154 7.43 -5.27 -12.77
C GLN A 154 8.96 -5.30 -12.89
N PHE A 155 9.52 -4.45 -13.73
CA PHE A 155 10.98 -4.31 -13.83
C PHE A 155 11.62 -3.90 -12.47
N LEU A 156 11.05 -2.94 -11.77
CA LEU A 156 11.55 -2.53 -10.47
C LEU A 156 11.43 -3.68 -9.47
N ILE A 157 10.35 -4.44 -9.54
CA ILE A 157 10.20 -5.58 -8.66
C ILE A 157 11.22 -6.67 -9.01
N ASN A 158 11.38 -7.02 -10.29
CA ASN A 158 12.29 -8.13 -10.66
C ASN A 158 13.77 -7.79 -10.47
N THR A 159 14.13 -6.50 -10.49
CA THR A 159 15.52 -6.08 -10.26
C THR A 159 15.84 -5.73 -8.82
N ASN A 160 14.88 -5.96 -7.92
CA ASN A 160 15.04 -5.69 -6.49
C ASN A 160 15.41 -4.23 -6.25
N SER A 161 14.81 -3.31 -7.00
CA SER A 161 15.11 -1.88 -6.80
C SER A 161 14.70 -1.44 -5.40
N GLU A 162 15.33 -0.35 -4.98
CA GLU A 162 15.08 0.25 -3.70
C GLU A 162 13.62 0.64 -3.54
N LEU A 163 13.00 1.13 -4.61
CA LEU A 163 11.59 1.50 -4.59
C LEU A 163 10.68 0.29 -4.35
N ALA A 164 10.93 -0.84 -5.02
CA ALA A 164 10.12 -2.04 -4.81
C ALA A 164 10.25 -2.57 -3.38
N LEU A 165 11.43 -2.46 -2.79
CA LEU A 165 11.67 -2.89 -1.42
C LEU A 165 10.96 -1.96 -0.42
N MET A 166 10.90 -0.70 -0.79
CA MET A 166 10.32 0.31 0.02
C MET A 166 8.81 0.16 0.09
N TYR A 167 8.20 -0.11 -1.06
CA TYR A 167 6.77 -0.25 -1.19
C TYR A 167 6.24 -1.70 -1.23
N ASN A 168 7.05 -2.67 -0.87
CA ASN A 168 6.61 -4.05 -0.82
C ASN A 168 5.93 -4.60 -2.08
N ASP A 169 6.41 -4.17 -3.25
CA ASP A 169 5.90 -4.64 -4.56
C ASP A 169 4.48 -4.21 -4.89
N GLU A 170 3.81 -3.43 -4.05
CA GLU A 170 2.41 -3.02 -4.35
C GLU A 170 2.33 -1.57 -4.88
N SER A 171 1.76 -1.39 -6.08
CA SER A 171 1.68 -0.09 -6.76
C SER A 171 2.95 0.73 -6.48
N VAL A 172 4.08 0.15 -6.86
CA VAL A 172 5.38 0.72 -6.55
C VAL A 172 5.50 2.15 -6.98
N LEU A 173 5.34 2.41 -8.28
CA LEU A 173 5.50 3.79 -8.79
C LEU A 173 4.46 4.80 -8.31
N GLU A 174 3.21 4.36 -8.30
CA GLU A 174 2.07 5.18 -7.96
C GLU A 174 2.19 5.74 -6.54
N ASN A 175 2.57 4.85 -5.62
CA ASN A 175 2.84 5.26 -4.27
C ASN A 175 3.99 6.24 -4.32
N HIS A 176 4.98 5.97 -5.15
CA HIS A 176 6.14 6.89 -5.19
C HIS A 176 5.77 8.31 -5.71
N HIS A 177 4.97 8.36 -6.77
CA HIS A 177 4.54 9.63 -7.35
C HIS A 177 3.78 10.48 -6.28
N LEU A 178 2.88 9.83 -5.55
CA LEU A 178 2.14 10.46 -4.48
C LEU A 178 3.06 11.00 -3.38
N ALA A 179 4.03 10.19 -3.03
CA ALA A 179 4.99 10.55 -1.97
C ALA A 179 5.77 11.81 -2.31
N VAL A 180 6.28 11.91 -3.53
CA VAL A 180 7.02 13.06 -4.00
C VAL A 180 6.11 14.29 -4.09
N GLY A 181 4.97 14.13 -4.71
CA GLY A 181 4.06 15.25 -4.87
C GLY A 181 3.68 15.88 -3.55
N PHE A 182 3.30 15.05 -2.58
CA PHE A 182 2.91 15.53 -1.27
C PHE A 182 4.11 16.00 -0.47
N LYS A 183 5.29 15.44 -0.73
CA LYS A 183 6.51 15.86 -0.02
C LYS A 183 6.83 17.29 -0.40
N LEU A 184 6.68 17.61 -1.69
CA LEU A 184 7.01 18.95 -2.21
C LEU A 184 6.15 20.08 -1.58
N LEU A 185 4.94 19.75 -1.13
CA LEU A 185 4.05 20.67 -0.41
C LEU A 185 4.51 21.00 1.04
N GLN A 186 5.49 20.25 1.58
CA GLN A 186 6.00 20.46 2.95
C GLN A 186 6.66 21.82 3.17
N GLU A 187 7.56 22.28 2.28
CA GLU A 187 8.15 23.63 2.53
C GLU A 187 7.06 24.70 2.40
N GLU A 188 7.07 25.72 3.28
CA GLU A 188 6.10 26.83 3.22
C GLU A 188 6.12 27.63 1.89
N HIS A 189 7.32 27.92 1.35
CA HIS A 189 7.50 28.59 0.03
C HIS A 189 6.77 27.79 -1.08
N CYS A 190 6.27 26.60 -0.74
CA CYS A 190 5.58 25.75 -1.70
C CYS A 190 4.16 25.24 -1.31
N ASP A 191 3.66 25.50 -0.10
CA ASP A 191 2.35 24.94 0.32
C ASP A 191 1.14 25.66 -0.29
N ILE A 192 0.71 25.17 -1.46
CA ILE A 192 -0.42 25.75 -2.19
C ILE A 192 -1.77 25.51 -1.51
N PHE A 193 -1.85 24.57 -0.57
CA PHE A 193 -3.11 24.32 0.15
C PHE A 193 -3.10 24.89 1.56
N MET A 194 -2.12 25.73 1.88
CA MET A 194 -2.02 26.26 3.22
C MET A 194 -3.30 27.01 3.68
N ASN A 195 -4.11 27.48 2.74
CA ASN A 195 -5.35 28.18 3.04
C ASN A 195 -6.60 27.34 2.95
N LEU A 196 -6.46 26.04 2.72
CA LEU A 196 -7.61 25.18 2.83
C LEU A 196 -7.80 24.97 4.33
N THR A 197 -8.98 24.53 4.70
CA THR A 197 -9.28 24.20 6.07
C THR A 197 -8.54 22.86 6.35
N LYS A 198 -8.57 22.36 7.59
CA LYS A 198 -7.91 21.09 7.93
C LYS A 198 -8.76 19.95 7.39
N LYS A 199 -10.08 20.07 7.56
CA LYS A 199 -11.05 19.10 7.01
C LYS A 199 -10.94 19.00 5.48
N GLN A 200 -10.63 20.13 4.83
CA GLN A 200 -10.49 20.21 3.37
C GLN A 200 -9.21 19.52 2.93
N ARG A 201 -8.09 19.91 3.52
CA ARG A 201 -6.77 19.33 3.23
C ARG A 201 -6.75 17.79 3.39
N GLN A 202 -7.41 17.30 4.45
CA GLN A 202 -7.50 15.86 4.72
C GLN A 202 -8.40 15.23 3.64
N THR A 203 -9.53 15.86 3.36
CA THR A 203 -10.43 15.36 2.33
C THR A 203 -9.72 15.35 0.95
N LEU A 204 -8.84 16.33 0.72
CA LEU A 204 -8.16 16.45 -0.55
C LEU A 204 -7.17 15.32 -0.72
N ARG A 205 -6.29 15.18 0.26
CA ARG A 205 -5.27 14.15 0.29
C ARG A 205 -5.88 12.78 0.10
N LYS A 206 -7.00 12.49 0.77
CA LYS A 206 -7.66 11.22 0.60
C LYS A 206 -8.02 11.05 -0.86
N MET A 207 -8.68 12.04 -1.42
CA MET A 207 -9.10 11.92 -2.81
C MET A 207 -7.95 11.75 -3.80
N VAL A 208 -6.88 12.54 -3.66
CA VAL A 208 -5.71 12.46 -4.55
C VAL A 208 -5.02 11.10 -4.46
N ILE A 209 -4.80 10.60 -3.26
CA ILE A 209 -4.16 9.30 -3.09
C ILE A 209 -4.96 8.27 -3.83
N ASP A 210 -6.26 8.32 -3.60
CA ASP A 210 -7.18 7.36 -4.22
C ASP A 210 -7.11 7.49 -5.75
N MET A 211 -7.07 8.69 -6.33
CA MET A 211 -7.00 8.81 -7.81
C MET A 211 -5.70 8.31 -8.42
N VAL A 212 -4.57 8.63 -7.83
CA VAL A 212 -3.29 8.24 -8.38
C VAL A 212 -3.01 6.73 -8.25
N LEU A 213 -3.40 6.13 -7.12
CA LEU A 213 -3.30 4.70 -6.94
C LEU A 213 -4.19 4.03 -7.97
N ALA A 214 -5.24 4.70 -8.41
CA ALA A 214 -6.06 4.09 -9.45
C ALA A 214 -5.44 4.17 -10.84
N THR A 215 -4.33 4.87 -11.04
CA THR A 215 -3.66 4.86 -12.36
C THR A 215 -2.79 3.62 -12.60
N ASP A 216 -2.64 2.74 -11.60
CA ASP A 216 -1.84 1.50 -11.67
C ASP A 216 -2.62 0.57 -12.57
N MET A 217 -2.05 0.13 -13.70
CA MET A 217 -2.75 -0.70 -14.65
C MET A 217 -3.20 -2.06 -14.12
N SER A 218 -2.56 -2.57 -13.07
CA SER A 218 -3.00 -3.84 -12.50
C SER A 218 -4.39 -3.74 -11.90
N LYS A 219 -4.87 -2.51 -11.73
CA LYS A 219 -6.22 -2.17 -11.20
C LYS A 219 -7.28 -1.93 -12.32
N HIS A 220 -6.83 -1.84 -13.57
CA HIS A 220 -7.68 -1.46 -14.69
C HIS A 220 -8.96 -2.31 -14.80
N MET A 221 -8.81 -3.62 -14.80
CA MET A 221 -9.96 -4.54 -14.98
C MET A 221 -11.04 -4.45 -13.90
N SER A 222 -10.69 -4.12 -12.66
CA SER A 222 -11.73 -4.06 -11.64
C SER A 222 -12.30 -2.66 -11.54
N LEU A 223 -11.54 -1.67 -11.97
CA LEU A 223 -12.06 -0.33 -11.99
C LEU A 223 -13.18 -0.24 -13.03
N LEU A 224 -13.00 -0.99 -14.11
CA LEU A 224 -13.86 -1.05 -15.29
C LEU A 224 -15.12 -1.85 -15.00
N ALA A 225 -14.98 -2.96 -14.30
CA ALA A 225 -16.12 -3.76 -13.87
C ALA A 225 -16.94 -2.89 -12.91
N ASP A 226 -16.25 -2.08 -12.10
CA ASP A 226 -16.95 -1.20 -11.17
C ASP A 226 -17.61 0.00 -11.87
N LEU A 227 -16.97 0.48 -12.93
CA LEU A 227 -17.53 1.55 -13.73
C LEU A 227 -18.78 1.02 -14.45
N LYS A 228 -18.76 -0.24 -14.88
CA LYS A 228 -19.88 -0.84 -15.62
C LYS A 228 -21.09 -1.03 -14.74
N THR A 229 -20.85 -1.24 -13.45
CA THR A 229 -21.90 -1.43 -12.46
C THR A 229 -22.56 -0.06 -12.18
N MET A 230 -21.74 1.00 -12.25
CA MET A 230 -22.17 2.38 -12.04
C MET A 230 -23.05 2.86 -13.18
N VAL A 231 -22.72 2.42 -14.40
CA VAL A 231 -23.56 2.71 -15.56
C VAL A 231 -24.91 1.99 -15.34
N GLU A 232 -24.86 0.67 -15.10
CA GLU A 232 -26.03 -0.17 -14.88
C GLU A 232 -27.14 0.48 -14.02
N THR A 233 -26.74 1.22 -12.98
CA THR A 233 -27.71 1.87 -12.07
C THR A 233 -27.60 3.40 -12.10
N LYS A 234 -27.22 3.92 -13.27
CA LYS A 234 -27.14 5.37 -13.51
C LYS A 234 -28.54 6.01 -13.41
N LYS A 235 -28.57 7.08 -12.65
CA LYS A 235 -29.75 7.88 -12.42
C LYS A 235 -29.40 9.31 -12.87
N VAL A 236 -30.31 9.95 -13.61
CA VAL A 236 -30.08 11.32 -14.08
C VAL A 236 -31.29 12.22 -13.77
N THR A 237 -31.04 13.49 -13.47
CA THR A 237 -32.12 14.45 -13.22
C THR A 237 -32.86 14.69 -14.57
N SER A 238 -33.94 15.45 -14.54
CA SER A 238 -34.66 15.77 -15.78
C SER A 238 -33.81 16.51 -16.85
N SER A 239 -32.71 17.17 -16.47
CA SER A 239 -31.92 17.92 -17.43
C SER A 239 -30.71 17.17 -17.98
N GLY A 240 -30.73 15.83 -17.93
CA GLY A 240 -29.60 15.07 -18.41
C GLY A 240 -28.31 15.17 -17.61
N VAL A 241 -28.41 15.48 -16.30
CA VAL A 241 -27.24 15.55 -15.42
C VAL A 241 -27.25 14.44 -14.37
N LEU A 242 -26.12 13.73 -14.30
CA LEU A 242 -25.92 12.60 -13.41
C LEU A 242 -26.20 12.95 -11.97
N LEU A 243 -26.72 11.97 -11.25
CA LEU A 243 -27.02 12.08 -9.84
C LEU A 243 -25.99 11.24 -9.11
N LEU A 244 -25.18 11.89 -8.31
CA LEU A 244 -24.18 11.19 -7.54
C LEU A 244 -24.55 11.41 -6.07
N ASP A 245 -25.13 10.36 -5.47
CA ASP A 245 -25.61 10.34 -4.09
C ASP A 245 -24.52 10.80 -3.10
N ASN A 246 -23.52 9.96 -2.77
CA ASN A 246 -22.46 10.39 -1.84
C ASN A 246 -21.03 10.25 -2.38
N TYR A 247 -20.10 10.72 -1.55
CA TYR A 247 -18.67 10.67 -1.82
C TYR A 247 -18.25 9.39 -2.56
N THR A 248 -18.75 8.22 -2.14
CA THR A 248 -18.36 6.96 -2.78
C THR A 248 -18.56 6.98 -4.27
N ASP A 249 -19.70 7.51 -4.67
CA ASP A 249 -20.06 7.60 -6.08
C ASP A 249 -19.21 8.61 -6.85
N ARG A 250 -18.95 9.78 -6.25
CA ARG A 250 -18.17 10.85 -6.89
C ARG A 250 -16.70 10.51 -7.03
N ILE A 251 -16.12 9.87 -6.02
CA ILE A 251 -14.71 9.54 -6.11
C ILE A 251 -14.52 8.41 -7.09
N GLN A 252 -15.55 7.59 -7.25
CA GLN A 252 -15.49 6.52 -8.23
C GLN A 252 -15.44 7.07 -9.65
N VAL A 253 -16.23 8.11 -9.92
CA VAL A 253 -16.24 8.78 -11.24
C VAL A 253 -14.96 9.57 -11.48
N LEU A 254 -14.40 10.12 -10.40
CA LEU A 254 -13.14 10.88 -10.53
C LEU A 254 -11.94 9.95 -10.78
N ARG A 255 -11.82 8.84 -10.06
CA ARG A 255 -10.73 7.90 -10.31
C ARG A 255 -10.80 7.50 -11.73
N ASN A 256 -11.99 7.13 -12.19
CA ASN A 256 -12.17 6.68 -13.57
C ASN A 256 -11.91 7.79 -14.59
N MET A 257 -12.23 9.02 -14.21
CA MET A 257 -11.97 10.15 -15.06
C MET A 257 -10.47 10.38 -15.27
N VAL A 258 -9.65 10.21 -14.23
CA VAL A 258 -8.17 10.44 -14.38
C VAL A 258 -7.58 9.28 -15.13
N HIS A 259 -8.19 8.10 -14.96
CA HIS A 259 -7.73 6.87 -15.62
C HIS A 259 -7.98 7.01 -17.15
N CYS A 260 -9.17 7.49 -17.55
CA CYS A 260 -9.45 7.75 -18.96
C CYS A 260 -8.48 8.79 -19.48
N ALA A 261 -8.19 9.82 -18.70
CA ALA A 261 -7.25 10.83 -19.18
C ALA A 261 -5.90 10.21 -19.40
N ASP A 262 -5.48 9.37 -18.46
CA ASP A 262 -4.25 8.66 -18.58
C ASP A 262 -4.22 7.79 -19.84
N LEU A 263 -5.39 7.24 -20.19
CA LEU A 263 -5.52 6.38 -21.36
C LEU A 263 -6.21 7.09 -22.53
N SER A 264 -6.03 8.40 -22.63
CA SER A 264 -6.66 9.16 -23.68
C SER A 264 -5.86 9.35 -24.99
N ASN A 265 -4.59 8.95 -25.05
CA ASN A 265 -3.82 9.24 -26.27
C ASN A 265 -4.55 8.83 -27.58
N PRO A 266 -5.06 7.60 -27.69
CA PRO A 266 -5.72 7.16 -28.93
C PRO A 266 -7.04 7.83 -29.24
N THR A 267 -7.58 8.65 -28.33
CA THR A 267 -8.85 9.36 -28.58
C THR A 267 -8.66 10.76 -29.19
N LYS A 268 -7.40 11.22 -29.23
CA LYS A 268 -7.02 12.51 -29.79
C LYS A 268 -6.80 12.39 -31.30
N SER A 269 -6.64 13.52 -31.97
CA SER A 269 -6.39 13.56 -33.42
C SER A 269 -5.27 12.61 -33.77
N LEU A 270 -5.35 11.98 -34.94
CA LEU A 270 -4.30 11.06 -35.39
C LEU A 270 -2.88 11.64 -35.24
N GLU A 271 -2.67 12.88 -35.67
CA GLU A 271 -1.36 13.54 -35.57
C GLU A 271 -0.74 13.53 -34.16
N LEU A 272 -1.55 13.72 -33.12
CA LEU A 272 -1.08 13.68 -31.74
C LEU A 272 -0.86 12.25 -31.30
N TYR A 273 -1.85 11.41 -31.58
CA TYR A 273 -1.76 10.00 -31.24
C TYR A 273 -0.44 9.40 -31.75
N ARG A 274 -0.05 9.64 -32.98
CA ARG A 274 1.18 9.06 -33.48
C ARG A 274 2.44 9.51 -32.73
N GLN A 275 2.50 10.77 -32.32
CA GLN A 275 3.65 11.27 -31.56
C GLN A 275 3.69 10.61 -30.18
N TRP A 276 2.53 10.40 -29.59
CA TRP A 276 2.45 9.69 -28.32
C TRP A 276 2.91 8.23 -28.52
N THR A 277 2.54 7.62 -29.64
CA THR A 277 2.94 6.23 -29.92
C THR A 277 4.45 6.13 -30.04
N ASP A 278 5.04 7.00 -30.84
CA ASP A 278 6.51 7.08 -30.98
C ASP A 278 7.16 7.12 -29.59
N ARG A 279 6.54 7.89 -28.70
CA ARG A 279 7.11 8.11 -27.40
C ARG A 279 6.98 6.94 -26.48
N ILE A 280 5.81 6.32 -26.40
CA ILE A 280 5.68 5.16 -25.56
C ILE A 280 6.60 4.02 -26.08
N MET A 281 6.76 3.89 -27.41
CA MET A 281 7.59 2.81 -27.97
C MET A 281 9.06 3.03 -27.69
N GLU A 282 9.54 4.28 -27.81
CA GLU A 282 10.90 4.59 -27.43
C GLU A 282 11.19 4.23 -25.93
N GLU A 283 10.25 4.53 -25.03
CA GLU A 283 10.46 4.21 -23.62
C GLU A 283 10.47 2.69 -23.36
N PHE A 284 9.49 1.98 -23.95
CA PHE A 284 9.30 0.56 -23.77
C PHE A 284 10.50 -0.21 -24.35
N PHE A 285 10.96 0.20 -25.51
CA PHE A 285 12.10 -0.45 -26.14
C PHE A 285 13.38 -0.21 -25.33
N GLN A 286 13.52 0.94 -24.68
CA GLN A 286 14.71 1.21 -23.83
C GLN A 286 14.78 0.23 -22.64
N GLN A 287 13.61 0.00 -22.02
CA GLN A 287 13.44 -0.99 -20.96
C GLN A 287 13.80 -2.37 -21.56
N GLY A 288 13.24 -2.68 -22.72
CA GLY A 288 13.57 -3.92 -23.40
C GLY A 288 15.06 -4.12 -23.51
N ASP A 289 15.78 -3.06 -23.91
CA ASP A 289 17.25 -3.08 -24.01
C ASP A 289 17.92 -3.30 -22.63
N LYS A 290 17.35 -2.75 -21.57
CA LYS A 290 17.91 -2.93 -20.23
C LYS A 290 17.65 -4.36 -19.77
N GLU A 291 16.47 -4.90 -20.06
CA GLU A 291 16.15 -6.29 -19.69
C GLU A 291 17.15 -7.23 -20.35
N ARG A 292 17.42 -7.03 -21.63
CA ARG A 292 18.35 -7.87 -22.37
C ARG A 292 19.77 -7.79 -21.83
N GLU A 293 20.31 -6.59 -21.63
CA GLU A 293 21.66 -6.37 -21.08
C GLU A 293 21.85 -7.08 -19.76
N ARG A 294 20.78 -7.16 -18.96
CA ARG A 294 20.82 -7.82 -17.66
C ARG A 294 20.46 -9.32 -17.79
N GLY A 295 20.25 -9.81 -19.01
CA GLY A 295 19.86 -11.20 -19.25
C GLY A 295 18.50 -11.65 -18.69
N MET A 296 17.59 -10.69 -18.47
CA MET A 296 16.25 -10.98 -17.93
C MET A 296 15.35 -11.41 -19.08
N GLU A 297 14.17 -11.95 -18.78
CA GLU A 297 13.20 -12.22 -19.86
C GLU A 297 12.71 -10.86 -20.41
N ILE A 298 12.55 -10.73 -21.73
CA ILE A 298 12.03 -9.49 -22.31
C ILE A 298 10.52 -9.62 -22.57
N SER A 299 9.76 -8.64 -22.10
CA SER A 299 8.30 -8.60 -22.33
C SER A 299 8.05 -8.31 -23.84
N PRO A 300 7.33 -9.16 -24.58
CA PRO A 300 7.12 -8.98 -26.03
C PRO A 300 6.83 -7.58 -26.59
N MET A 301 6.19 -6.69 -25.85
CA MET A 301 5.93 -5.37 -26.42
C MET A 301 7.09 -4.40 -26.16
N CME A 302 8.14 -4.88 -25.46
CA CME A 302 9.36 -4.13 -25.17
CB CME A 302 9.73 -4.17 -23.66
SG CME A 302 8.71 -3.04 -22.67
SD CME A 302 7.03 -4.02 -22.36
CE CME A 302 7.01 -3.78 -20.61
CZ CME A 302 6.26 -2.50 -20.29
OH CME A 302 5.65 -2.76 -19.07
C CME A 302 10.49 -4.62 -26.04
O CME A 302 11.55 -3.97 -25.99
N ASP A 303 10.32 -5.69 -26.83
CA ASP A 303 11.37 -6.23 -27.69
C ASP A 303 11.35 -5.58 -29.08
N LYS A 304 12.29 -4.68 -29.33
CA LYS A 304 12.35 -3.95 -30.60
C LYS A 304 12.67 -4.82 -31.84
N HIS A 305 13.31 -5.98 -31.63
CA HIS A 305 13.68 -6.88 -32.75
C HIS A 305 12.52 -7.72 -33.31
N THR A 306 11.41 -7.82 -32.58
CA THR A 306 10.22 -8.58 -32.98
C THR A 306 8.82 -7.90 -32.83
N ALA A 307 8.71 -6.80 -32.10
CA ALA A 307 7.38 -6.22 -31.86
C ALA A 307 6.87 -5.26 -32.94
N SER A 308 5.62 -5.46 -33.34
CA SER A 308 4.96 -4.60 -34.30
C SER A 308 4.35 -3.42 -33.56
N VAL A 309 4.71 -2.20 -33.95
CA VAL A 309 4.14 -1.01 -33.31
C VAL A 309 2.65 -0.92 -33.62
N GLU A 310 2.30 -1.29 -34.85
CA GLU A 310 0.95 -1.16 -35.35
C GLU A 310 0.00 -2.19 -34.75
N LYS A 311 0.41 -3.44 -34.66
CA LYS A 311 -0.45 -4.47 -34.07
C LYS A 311 -0.66 -4.15 -32.62
N SER A 312 0.40 -3.71 -31.97
CA SER A 312 0.35 -3.40 -30.56
C SER A 312 -0.65 -2.27 -30.27
N GLN A 313 -0.80 -1.29 -31.17
CA GLN A 313 -1.71 -0.19 -30.90
C GLN A 313 -3.13 -0.69 -31.11
N VAL A 314 -3.31 -1.56 -32.08
CA VAL A 314 -4.62 -2.08 -32.40
C VAL A 314 -5.15 -2.89 -31.22
N GLY A 315 -4.26 -3.71 -30.62
CA GLY A 315 -4.57 -4.54 -29.48
C GLY A 315 -4.80 -3.68 -28.26
N PHE A 316 -4.00 -2.63 -28.14
CA PHE A 316 -4.14 -1.70 -27.05
C PHE A 316 -5.54 -1.05 -27.11
N ILE A 317 -6.00 -0.64 -28.29
CA ILE A 317 -7.33 -0.05 -28.41
C ILE A 317 -8.42 -1.12 -28.22
N ASP A 318 -8.29 -2.26 -28.87
CA ASP A 318 -9.31 -3.32 -28.78
C ASP A 318 -9.53 -3.92 -27.39
N TYR A 319 -8.47 -4.08 -26.61
CA TYR A 319 -8.57 -4.76 -25.31
C TYR A 319 -8.52 -3.86 -24.07
N ILE A 320 -8.14 -2.60 -24.23
CA ILE A 320 -7.97 -1.71 -23.08
C ILE A 320 -8.70 -0.38 -23.23
N VAL A 321 -8.32 0.38 -24.24
CA VAL A 321 -8.83 1.73 -24.45
C VAL A 321 -10.29 1.78 -24.91
N HIS A 322 -10.62 1.05 -25.94
CA HIS A 322 -12.01 1.08 -26.39
C HIS A 322 -12.96 0.61 -25.31
N PRO A 323 -12.75 -0.58 -24.73
CA PRO A 323 -13.62 -1.09 -23.65
C PRO A 323 -13.90 -0.11 -22.56
N LEU A 324 -12.87 0.66 -22.20
CA LEU A 324 -12.95 1.70 -21.18
C LEU A 324 -13.76 2.92 -21.59
N TRP A 325 -13.44 3.49 -22.74
CA TRP A 325 -14.09 4.72 -23.21
C TRP A 325 -15.55 4.49 -23.59
N GLU A 326 -15.83 3.30 -24.12
CA GLU A 326 -17.17 2.91 -24.45
C GLU A 326 -18.04 3.02 -23.20
N THR A 327 -17.47 2.61 -22.05
CA THR A 327 -18.20 2.65 -20.78
C THR A 327 -18.33 4.07 -20.29
N TRP A 328 -17.28 4.87 -20.49
CA TRP A 328 -17.32 6.26 -20.08
C TRP A 328 -18.43 6.95 -20.89
N ALA A 329 -18.43 6.72 -22.20
CA ALA A 329 -19.50 7.23 -23.08
C ALA A 329 -20.91 6.89 -22.63
N ASP A 330 -21.13 5.72 -22.05
CA ASP A 330 -22.50 5.37 -21.60
C ASP A 330 -22.88 6.20 -20.39
N LEU A 331 -21.91 6.38 -19.52
CA LEU A 331 -22.08 7.16 -18.32
C LEU A 331 -22.50 8.58 -18.65
N VAL A 332 -21.80 9.19 -19.61
CA VAL A 332 -22.01 10.58 -19.97
C VAL A 332 -22.65 10.75 -21.36
N GLN A 333 -23.28 9.70 -21.91
CA GLN A 333 -23.82 9.78 -23.27
C GLN A 333 -24.75 10.99 -23.39
N PRO A 334 -24.75 11.67 -24.54
CA PRO A 334 -23.91 11.35 -25.71
C PRO A 334 -22.62 12.23 -25.83
N ASP A 335 -22.16 12.83 -24.72
CA ASP A 335 -21.01 13.75 -24.72
C ASP A 335 -19.70 13.25 -25.30
N ALA A 336 -19.47 11.94 -25.30
CA ALA A 336 -18.22 11.36 -25.75
C ALA A 336 -18.32 10.60 -27.06
N GLN A 337 -19.32 10.89 -27.87
CA GLN A 337 -19.45 10.17 -29.11
C GLN A 337 -18.37 10.60 -30.09
N ASP A 338 -18.03 11.88 -30.09
CA ASP A 338 -16.99 12.38 -31.00
C ASP A 338 -15.67 11.64 -30.71
N ILE A 339 -15.37 11.54 -29.42
CA ILE A 339 -14.20 10.83 -28.92
C ILE A 339 -14.19 9.36 -29.34
N LEU A 340 -15.35 8.71 -29.31
CA LEU A 340 -15.46 7.33 -29.68
C LEU A 340 -15.26 7.17 -31.19
N ASP A 341 -15.76 8.13 -31.97
CA ASP A 341 -15.60 8.09 -33.41
C ASP A 341 -14.15 8.31 -33.79
N THR A 342 -13.46 9.23 -33.12
CA THR A 342 -12.05 9.48 -33.39
C THR A 342 -11.20 8.23 -33.09
N LEU A 343 -11.53 7.59 -31.97
CA LEU A 343 -10.84 6.39 -31.48
C LEU A 343 -10.90 5.24 -32.48
N GLU A 344 -12.11 5.03 -33.01
CA GLU A 344 -12.40 4.03 -34.02
C GLU A 344 -11.67 4.36 -35.33
N ASP A 345 -11.69 5.63 -35.74
CA ASP A 345 -10.99 6.04 -36.94
C ASP A 345 -9.48 5.81 -36.75
N ASN A 346 -8.95 6.15 -35.57
CA ASN A 346 -7.52 5.99 -35.30
C ASN A 346 -7.18 4.50 -35.28
N ARG A 347 -8.09 3.67 -34.79
CA ARG A 347 -7.87 2.23 -34.75
C ARG A 347 -7.73 1.71 -36.19
N ASN A 348 -8.62 2.13 -37.04
CA ASN A 348 -8.59 1.70 -38.41
C ASN A 348 -7.36 2.17 -39.18
N TRP A 349 -6.80 3.32 -38.82
CA TRP A 349 -5.58 3.79 -39.46
C TRP A 349 -4.40 2.83 -39.15
N TYR A 350 -4.18 2.55 -37.86
CA TYR A 350 -3.10 1.61 -37.45
C TYR A 350 -3.30 0.19 -38.09
N GLN A 351 -4.55 -0.27 -38.18
CA GLN A 351 -4.89 -1.55 -38.82
C GLN A 351 -4.50 -1.55 -40.31
N SER A 352 -4.73 -0.45 -41.01
CA SER A 352 -4.40 -0.35 -42.43
C SER A 352 -2.90 -0.23 -42.66
N MET A 353 -2.15 0.14 -41.63
CA MET A 353 -0.68 0.25 -41.69
C MET A 353 -0.03 -1.12 -41.43
N ILE A 354 -0.82 -2.09 -40.93
CA ILE A 354 -0.39 -3.48 -40.79
C ILE A 354 -0.50 -4.22 -42.12
N PRO A 355 0.57 -4.84 -42.61
CA PRO A 355 0.45 -5.73 -43.78
C PRO A 355 -0.19 -7.06 -43.37
N GLU B 33 23.57 -20.01 29.57
CA GLU B 33 24.11 -20.72 30.74
C GLU B 33 23.06 -21.76 31.21
N ASP B 34 23.22 -22.26 32.41
CA ASP B 34 22.29 -23.21 32.99
C ASP B 34 20.89 -22.61 33.14
N HIS B 35 20.77 -21.38 33.65
CA HIS B 35 19.44 -20.77 33.82
C HIS B 35 18.74 -20.63 32.48
N LEU B 36 19.47 -20.22 31.44
CA LEU B 36 18.90 -20.01 30.10
C LEU B 36 18.40 -21.31 29.47
N ALA B 37 19.18 -22.38 29.65
CA ALA B 37 18.87 -23.70 29.10
C ALA B 37 17.65 -24.29 29.77
N LYS B 38 17.50 -24.06 31.08
CA LYS B 38 16.28 -24.50 31.80
C LYS B 38 15.05 -23.70 31.32
N GLU B 39 15.26 -22.46 30.94
CA GLU B 39 14.17 -21.64 30.44
C GLU B 39 13.75 -22.15 29.05
N LEU B 40 14.74 -22.49 28.23
CA LEU B 40 14.50 -23.01 26.85
C LEU B 40 13.99 -24.44 26.75
N GLU B 41 13.92 -25.16 27.86
CA GLU B 41 13.27 -26.46 27.90
C GLU B 41 11.80 -26.29 27.51
N ASP B 42 11.23 -25.10 27.77
CA ASP B 42 9.85 -24.77 27.44
C ASP B 42 9.71 -24.05 26.07
N LEU B 43 10.74 -24.10 25.24
CA LEU B 43 10.72 -23.50 23.89
C LEU B 43 9.45 -23.79 23.10
N ASN B 44 8.97 -25.02 23.17
CA ASN B 44 7.80 -25.48 22.43
C ASN B 44 6.48 -25.34 23.19
N LYS B 45 6.46 -24.56 24.25
CA LYS B 45 5.29 -24.44 25.09
C LYS B 45 4.78 -23.02 25.23
N TRP B 46 3.47 -22.88 25.41
CA TRP B 46 2.83 -21.60 25.59
C TRP B 46 3.35 -20.93 26.87
N GLY B 47 3.69 -21.72 27.88
CA GLY B 47 4.25 -21.21 29.13
C GLY B 47 5.72 -20.76 29.11
N LEU B 48 6.39 -20.66 27.97
CA LEU B 48 7.77 -20.18 28.00
C LEU B 48 7.79 -18.76 28.54
N ASN B 49 8.82 -18.42 29.27
CA ASN B 49 8.95 -17.09 29.83
C ASN B 49 10.01 -16.29 29.08
N ILE B 50 9.59 -15.49 28.11
CA ILE B 50 10.53 -14.74 27.30
C ILE B 50 11.24 -13.64 28.08
N PHE B 51 10.62 -13.12 29.16
CA PHE B 51 11.30 -12.14 30.02
C PHE B 51 12.58 -12.77 30.63
N ASN B 52 12.46 -14.02 31.10
CA ASN B 52 13.60 -14.75 31.65
C ASN B 52 14.65 -15.02 30.57
N VAL B 53 14.25 -15.34 29.34
CA VAL B 53 15.30 -15.60 28.37
C VAL B 53 16.03 -14.32 28.01
N ALA B 54 15.35 -13.20 28.02
CA ALA B 54 15.92 -11.89 27.76
C ALA B 54 16.97 -11.60 28.80
N GLY B 55 16.67 -11.81 30.07
CA GLY B 55 17.65 -11.61 31.12
C GLY B 55 18.87 -12.55 31.13
N TYR B 56 18.69 -13.79 30.74
CA TYR B 56 19.79 -14.74 30.80
C TYR B 56 20.64 -14.72 29.53
N SER B 57 20.19 -13.97 28.53
CA SER B 57 20.89 -13.87 27.24
C SER B 57 21.47 -12.49 26.92
N HIS B 58 21.71 -11.67 27.94
CA HIS B 58 22.25 -10.29 27.80
C HIS B 58 21.43 -9.41 26.84
N ASN B 59 20.13 -9.51 27.04
CA ASN B 59 19.14 -8.74 26.32
C ASN B 59 19.18 -8.94 24.81
N ARG B 60 19.38 -10.20 24.39
CA ARG B 60 19.27 -10.60 22.99
C ARG B 60 18.16 -11.69 22.83
N PRO B 61 16.97 -11.42 23.38
CA PRO B 61 15.89 -12.38 23.34
C PRO B 61 15.44 -12.74 21.93
N LEU B 62 15.39 -11.79 21.01
CA LEU B 62 14.95 -12.09 19.67
C LEU B 62 16.00 -12.96 18.96
N THR B 63 17.30 -12.61 19.05
CA THR B 63 18.35 -13.40 18.44
C THR B 63 18.47 -14.80 19.06
N CME B 64 18.48 -14.84 20.39
CA CME B 64 18.50 -16.12 21.12
CB CME B 64 18.40 -15.86 22.59
SG CME B 64 18.50 -17.33 23.57
SD CME B 64 20.38 -18.12 23.10
CE CME B 64 20.41 -19.25 21.76
CZ CME B 64 19.84 -20.57 22.28
OH CME B 64 19.74 -21.49 21.21
C CME B 64 17.31 -16.98 20.72
O CME B 64 17.53 -18.11 20.34
N ILE B 65 16.10 -16.47 20.82
CA ILE B 65 14.93 -17.32 20.57
C ILE B 65 14.77 -17.74 19.12
N MET B 66 15.21 -16.91 18.17
CA MET B 66 15.11 -17.27 16.77
C MET B 66 16.13 -18.40 16.44
N TYR B 67 17.34 -18.30 16.97
CA TYR B 67 18.31 -19.35 16.80
C TYR B 67 17.76 -20.65 17.42
N ALA B 68 17.18 -20.60 18.63
CA ALA B 68 16.65 -21.81 19.28
C ALA B 68 15.53 -22.42 18.46
N ILE B 69 14.62 -21.59 17.96
CA ILE B 69 13.49 -22.03 17.14
C ILE B 69 13.94 -22.65 15.84
N PHE B 70 14.97 -22.06 15.20
CA PHE B 70 15.48 -22.55 13.92
C PHE B 70 16.21 -23.88 14.03
N GLN B 71 16.92 -24.09 15.11
CA GLN B 71 17.61 -25.36 15.31
C GLN B 71 16.59 -26.47 15.64
N GLU B 72 15.61 -26.18 16.49
CA GLU B 72 14.57 -27.17 16.86
C GLU B 72 13.86 -27.72 15.61
N ARG B 73 13.54 -26.83 14.67
CA ARG B 73 12.86 -27.20 13.46
C ARG B 73 13.78 -27.55 12.30
N ASP B 74 15.10 -27.53 12.48
CA ASP B 74 16.11 -27.89 11.43
C ASP B 74 16.12 -26.97 10.21
N LEU B 75 15.59 -25.75 10.36
CA LEU B 75 15.48 -24.79 9.25
C LEU B 75 16.80 -24.29 8.65
N LEU B 76 17.89 -24.29 9.44
CA LEU B 76 19.22 -23.88 8.93
C LEU B 76 19.81 -24.95 7.98
N LYS B 77 19.57 -26.23 8.28
CA LYS B 77 20.05 -27.27 7.38
C LYS B 77 19.11 -27.33 6.16
N THR B 78 17.81 -27.26 6.39
CA THR B 78 16.84 -27.35 5.30
C THR B 78 16.97 -26.29 4.22
N PHE B 79 17.24 -25.05 4.60
CA PHE B 79 17.38 -23.96 3.65
C PHE B 79 18.84 -23.50 3.48
N ARG B 80 19.79 -24.35 3.86
CA ARG B 80 21.25 -24.07 3.70
C ARG B 80 21.57 -22.62 4.17
N ILE B 81 21.33 -22.35 5.44
CA ILE B 81 21.62 -21.03 5.98
C ILE B 81 22.75 -21.18 6.96
N SER B 82 23.88 -20.52 6.73
CA SER B 82 24.97 -20.64 7.71
C SER B 82 24.61 -19.95 9.04
N SER B 83 25.07 -20.53 10.12
CA SER B 83 24.84 -20.01 11.46
C SER B 83 25.33 -18.58 11.58
N ASP B 84 26.51 -18.31 11.00
CA ASP B 84 27.12 -16.99 11.04
C ASP B 84 26.17 -16.00 10.44
N THR B 85 25.73 -16.29 9.23
CA THR B 85 24.83 -15.43 8.51
C THR B 85 23.52 -15.22 9.25
N PHE B 86 23.01 -16.26 9.90
CA PHE B 86 21.73 -16.18 10.53
C PHE B 86 21.81 -15.27 11.75
N ILE B 87 22.83 -15.50 12.56
CA ILE B 87 23.09 -14.74 13.76
C ILE B 87 23.36 -13.28 13.38
N THR B 88 24.26 -13.04 12.44
CA THR B 88 24.58 -11.66 12.00
C THR B 88 23.31 -10.88 11.62
N TYR B 89 22.43 -11.53 10.88
CA TYR B 89 21.21 -10.90 10.46
C TYR B 89 20.29 -10.63 11.63
N MET B 90 20.09 -11.63 12.50
CA MET B 90 19.16 -11.52 13.62
C MET B 90 19.64 -10.49 14.61
N MET B 91 20.94 -10.42 14.82
CA MET B 91 21.55 -9.42 15.72
C MET B 91 21.27 -8.02 15.23
N THR B 92 21.50 -7.79 13.94
CA THR B 92 21.23 -6.49 13.34
C THR B 92 19.74 -6.19 13.34
N LEU B 93 18.91 -7.19 13.02
CA LEU B 93 17.47 -7.02 13.05
C LEU B 93 17.06 -6.59 14.47
N GLU B 94 17.52 -7.33 15.48
CA GLU B 94 17.22 -7.00 16.86
C GLU B 94 17.66 -5.58 17.27
N ASP B 95 18.82 -5.11 16.73
CA ASP B 95 19.34 -3.75 16.94
C ASP B 95 18.43 -2.68 16.35
N HIS B 96 17.64 -3.04 15.34
CA HIS B 96 16.71 -2.08 14.72
C HIS B 96 15.38 -1.90 15.42
N TYR B 97 15.17 -2.66 16.49
CA TYR B 97 14.05 -2.54 17.42
C TYR B 97 14.60 -1.56 18.50
N HIS B 98 13.85 -0.55 18.88
CA HIS B 98 14.29 0.47 19.82
C HIS B 98 14.12 0.07 21.27
N SER B 99 15.21 0.06 22.02
CA SER B 99 15.13 -0.34 23.41
C SER B 99 14.50 0.75 24.32
N ASP B 100 14.30 1.98 23.82
CA ASP B 100 13.61 3.03 24.58
C ASP B 100 12.06 3.13 24.34
N VAL B 101 11.50 2.16 23.64
CA VAL B 101 10.08 2.02 23.36
C VAL B 101 9.62 0.89 24.33
N ALA B 102 8.65 1.16 25.15
CA ALA B 102 8.29 0.24 26.23
C ALA B 102 7.71 -1.11 25.81
N TYR B 103 6.88 -1.13 24.77
CA TYR B 103 6.26 -2.38 24.35
C TYR B 103 6.80 -2.89 23.04
N HIS B 104 6.84 -2.05 22.00
CA HIS B 104 7.27 -2.46 20.66
C HIS B 104 8.79 -2.51 20.48
N ASN B 105 9.43 -3.30 21.35
CA ASN B 105 10.86 -3.52 21.33
C ASN B 105 11.10 -4.97 20.94
N SER B 106 12.34 -5.44 21.02
CA SER B 106 12.65 -6.79 20.50
C SER B 106 12.08 -7.95 21.33
N LEU B 107 11.73 -7.69 22.58
CA LEU B 107 11.12 -8.71 23.42
C LEU B 107 9.72 -9.11 22.92
N HIS B 108 8.97 -8.13 22.41
CA HIS B 108 7.66 -8.38 21.82
C HIS B 108 7.82 -9.16 20.53
N ALA B 109 8.83 -8.82 19.75
CA ALA B 109 9.13 -9.52 18.51
C ALA B 109 9.47 -10.96 18.86
N ALA B 110 10.31 -11.15 19.89
CA ALA B 110 10.71 -12.50 20.29
C ALA B 110 9.53 -13.34 20.76
N ASP B 111 8.60 -12.67 21.43
CA ASP B 111 7.43 -13.28 21.99
C ASP B 111 6.46 -13.72 20.92
N VAL B 112 6.33 -12.94 19.84
CA VAL B 112 5.44 -13.23 18.76
C VAL B 112 6.02 -14.37 17.95
N ALA B 113 7.32 -14.34 17.78
CA ALA B 113 8.00 -15.38 17.05
C ALA B 113 7.86 -16.67 17.81
N GLN B 114 8.16 -16.66 19.10
CA GLN B 114 8.04 -17.90 19.92
C GLN B 114 6.59 -18.40 19.94
N SER B 115 5.64 -17.49 20.12
CA SER B 115 4.22 -17.89 20.15
C SER B 115 3.77 -18.47 18.80
N THR B 116 4.28 -17.93 17.70
CA THR B 116 3.99 -18.43 16.35
C THR B 116 4.57 -19.85 16.25
N HIS B 117 5.84 -20.03 16.59
CA HIS B 117 6.47 -21.36 16.59
C HIS B 117 5.59 -22.38 17.31
N VAL B 118 4.95 -22.00 18.42
CA VAL B 118 4.11 -22.94 19.14
C VAL B 118 2.87 -23.23 18.29
N LEU B 119 2.18 -22.17 17.80
CA LEU B 119 0.94 -22.34 17.02
C LEU B 119 1.09 -23.20 15.77
N LEU B 120 2.27 -23.19 15.14
CA LEU B 120 2.53 -23.95 13.91
C LEU B 120 2.55 -25.46 14.14
N SER B 121 2.82 -25.80 15.39
CA SER B 121 2.84 -27.15 15.94
C SER B 121 1.52 -27.67 16.47
N THR B 122 0.45 -26.88 16.41
CA THR B 122 -0.85 -27.32 16.92
C THR B 122 -1.30 -28.58 16.10
N PRO B 123 -1.69 -29.68 16.77
CA PRO B 123 -2.03 -30.96 16.09
C PRO B 123 -3.05 -30.86 14.96
N ALA B 124 -4.00 -29.94 15.05
CA ALA B 124 -4.97 -29.74 14.00
C ALA B 124 -4.38 -29.24 12.68
N LEU B 125 -3.19 -28.64 12.69
CA LEU B 125 -2.51 -28.15 11.49
C LEU B 125 -1.29 -28.95 11.13
N ASP B 126 -1.21 -30.18 11.63
CA ASP B 126 0.00 -31.00 11.49
C ASP B 126 0.23 -31.52 10.06
N ALA B 127 1.43 -31.24 9.53
CA ALA B 127 1.88 -31.63 8.17
C ALA B 127 1.22 -30.88 7.02
N VAL B 128 0.47 -29.83 7.34
CA VAL B 128 -0.26 -29.05 6.35
C VAL B 128 0.59 -28.03 5.61
N PHE B 129 1.48 -27.41 6.36
CA PHE B 129 2.32 -26.36 5.82
C PHE B 129 3.62 -26.93 5.31
N THR B 130 4.13 -26.32 4.26
CA THR B 130 5.43 -26.65 3.71
C THR B 130 6.48 -26.00 4.64
N ASP B 131 7.69 -26.48 4.60
CA ASP B 131 8.80 -25.92 5.36
C ASP B 131 8.97 -24.45 5.00
N LEU B 132 8.91 -24.15 3.70
CA LEU B 132 9.01 -22.77 3.26
C LEU B 132 7.96 -21.91 3.96
N GLU B 133 6.77 -22.44 4.13
CA GLU B 133 5.71 -21.68 4.77
C GLU B 133 5.97 -21.49 6.26
N ILE B 134 6.60 -22.46 6.93
CA ILE B 134 6.95 -22.37 8.33
C ILE B 134 8.02 -21.28 8.48
N LEU B 135 8.98 -21.32 7.59
CA LEU B 135 10.03 -20.30 7.51
C LEU B 135 9.43 -18.89 7.41
N ALA B 136 8.44 -18.71 6.55
CA ALA B 136 7.81 -17.43 6.30
C ALA B 136 7.15 -16.84 7.52
N ALA B 137 6.28 -17.63 8.15
CA ALA B 137 5.55 -17.19 9.33
C ALA B 137 6.48 -16.82 10.49
N ILE B 138 7.51 -17.61 10.66
CA ILE B 138 8.42 -17.30 11.76
C ILE B 138 9.27 -16.06 11.47
N PHE B 139 9.74 -15.93 10.23
CA PHE B 139 10.50 -14.76 9.83
C PHE B 139 9.61 -13.52 9.95
N ALA B 140 8.36 -13.65 9.52
CA ALA B 140 7.41 -12.55 9.52
C ALA B 140 7.20 -12.04 10.97
N ALA B 141 6.93 -12.99 11.86
CA ALA B 141 6.83 -12.73 13.26
C ALA B 141 8.03 -11.91 13.81
N ALA B 142 9.25 -12.31 13.46
CA ALA B 142 10.45 -11.64 13.92
C ALA B 142 10.62 -10.20 13.43
N ILE B 143 10.33 -9.94 12.15
CA ILE B 143 10.47 -8.59 11.59
C ILE B 143 9.23 -7.73 11.75
N HIS B 144 8.15 -8.30 12.22
CA HIS B 144 6.88 -7.63 12.10
C HIS B 144 6.66 -6.27 12.75
N ASP B 145 7.52 -5.82 13.69
CA ASP B 145 7.39 -4.50 14.35
C ASP B 145 8.75 -3.84 14.40
N VAL B 146 9.64 -4.25 13.48
CA VAL B 146 11.01 -3.75 13.49
C VAL B 146 11.04 -2.24 13.15
N ASP B 147 11.90 -1.51 13.88
CA ASP B 147 12.00 -0.07 13.80
C ASP B 147 10.68 0.69 14.21
N HIS B 148 9.93 0.17 15.17
CA HIS B 148 8.66 0.79 15.60
C HIS B 148 9.00 2.05 16.46
N PRO B 149 8.43 3.23 16.18
CA PRO B 149 8.75 4.42 16.95
C PRO B 149 7.97 4.60 18.25
N GLY B 150 7.03 3.73 18.59
CA GLY B 150 6.26 3.86 19.82
C GLY B 150 4.99 4.68 19.73
N VAL B 151 4.58 5.00 18.49
CA VAL B 151 3.39 5.78 18.20
C VAL B 151 2.60 5.07 17.15
N SER B 152 1.29 5.29 17.16
CA SER B 152 0.35 4.58 16.28
C SER B 152 0.36 5.13 14.87
N ASN B 153 -0.29 4.40 13.97
CA ASN B 153 -0.43 4.87 12.58
C ASN B 153 -1.21 6.18 12.57
N GLN B 154 -2.27 6.28 13.39
CA GLN B 154 -3.09 7.51 13.37
C GLN B 154 -2.31 8.75 13.84
N PHE B 155 -1.38 8.57 14.81
CA PHE B 155 -0.50 9.65 15.28
C PHE B 155 0.49 10.05 14.15
N LEU B 156 1.06 9.07 13.43
CA LEU B 156 1.95 9.43 12.31
C LEU B 156 1.21 10.22 11.21
N ILE B 157 0.00 9.79 10.88
CA ILE B 157 -0.82 10.47 9.90
C ILE B 157 -1.24 11.90 10.34
N ASN B 158 -1.76 12.05 11.57
CA ASN B 158 -2.20 13.36 12.06
C ASN B 158 -1.05 14.36 12.21
N THR B 159 0.18 13.87 12.42
CA THR B 159 1.35 14.74 12.56
C THR B 159 2.10 14.98 11.25
N ASN B 160 1.61 14.42 10.15
CA ASN B 160 2.28 14.60 8.84
C ASN B 160 3.71 14.10 8.86
N SER B 161 3.94 13.04 9.61
CA SER B 161 5.25 12.41 9.69
C SER B 161 5.78 11.97 8.33
N GLU B 162 7.10 11.84 8.22
CA GLU B 162 7.73 11.39 7.00
C GLU B 162 7.20 10.01 6.59
N LEU B 163 7.03 9.12 7.53
CA LEU B 163 6.55 7.81 7.25
C LEU B 163 5.15 7.82 6.62
N ALA B 164 4.28 8.70 7.10
CA ALA B 164 2.94 8.77 6.58
C ALA B 164 2.90 9.34 5.17
N LEU B 165 3.73 10.34 4.90
CA LEU B 165 3.86 10.96 3.60
C LEU B 165 4.40 9.93 2.62
N MET B 166 5.37 9.16 3.10
CA MET B 166 6.02 8.14 2.30
C MET B 166 5.06 7.07 1.90
N TYR B 167 4.24 6.56 2.83
CA TYR B 167 3.30 5.46 2.59
C TYR B 167 1.82 5.84 2.35
N ASN B 168 1.55 7.11 2.14
CA ASN B 168 0.19 7.57 1.82
C ASN B 168 -0.90 7.13 2.78
N ASP B 169 -0.57 7.22 4.08
CA ASP B 169 -1.48 6.94 5.18
C ASP B 169 -1.98 5.51 5.29
N GLU B 170 -1.53 4.60 4.42
CA GLU B 170 -2.01 3.19 4.42
C GLU B 170 -1.08 2.21 5.10
N SER B 171 -1.55 1.57 6.16
CA SER B 171 -0.73 0.62 6.91
C SER B 171 0.69 1.20 6.99
N VAL B 172 0.80 2.43 7.45
CA VAL B 172 2.10 3.12 7.48
C VAL B 172 3.22 2.33 8.15
N LEU B 173 3.04 1.93 9.42
CA LEU B 173 4.07 1.24 10.16
C LEU B 173 4.38 -0.13 9.61
N GLU B 174 3.33 -0.88 9.29
CA GLU B 174 3.46 -2.22 8.80
C GLU B 174 4.25 -2.27 7.51
N ASN B 175 4.01 -1.31 6.62
CA ASN B 175 4.74 -1.23 5.38
C ASN B 175 6.24 -0.99 5.69
N HIS B 176 6.51 -0.12 6.65
CA HIS B 176 7.88 0.20 7.06
C HIS B 176 8.58 -0.97 7.67
N HIS B 177 7.91 -1.77 8.50
CA HIS B 177 8.59 -2.91 9.15
C HIS B 177 9.10 -3.91 8.11
N LEU B 178 8.28 -4.13 7.08
CA LEU B 178 8.62 -5.01 5.99
C LEU B 178 9.76 -4.43 5.21
N ALA B 179 9.76 -3.11 5.02
CA ALA B 179 10.82 -2.47 4.25
C ALA B 179 12.18 -2.68 4.93
N VAL B 180 12.24 -2.38 6.23
CA VAL B 180 13.46 -2.54 7.02
C VAL B 180 13.92 -3.99 7.02
N GLY B 181 13.02 -4.92 7.32
CA GLY B 181 13.31 -6.34 7.30
C GLY B 181 13.94 -6.89 6.03
N PHE B 182 13.40 -6.53 4.87
CA PHE B 182 13.97 -7.00 3.61
C PHE B 182 15.19 -6.14 3.30
N LYS B 183 15.25 -4.86 3.68
CA LYS B 183 16.47 -4.08 3.30
C LYS B 183 17.71 -4.68 3.97
N LEU B 184 17.56 -5.23 5.17
CA LEU B 184 18.67 -5.86 5.91
C LEU B 184 19.25 -7.15 5.30
N LEU B 185 18.47 -7.82 4.44
CA LEU B 185 18.94 -8.96 3.70
C LEU B 185 19.80 -8.58 2.48
N GLN B 186 19.86 -7.31 2.09
CA GLN B 186 20.56 -6.90 0.86
C GLN B 186 22.05 -6.71 1.04
N GLU B 187 22.73 -7.75 1.52
CA GLU B 187 24.17 -7.69 1.80
C GLU B 187 24.52 -9.12 2.16
N GLU B 188 25.34 -9.75 1.31
CA GLU B 188 25.70 -11.16 1.42
C GLU B 188 25.96 -11.67 2.85
N HIS B 189 26.66 -10.90 3.69
CA HIS B 189 26.98 -11.31 5.07
C HIS B 189 25.71 -11.45 5.97
N CME B 190 24.57 -10.98 5.45
CA CME B 190 23.28 -11.03 6.11
CB CME B 190 22.85 -9.61 6.52
SG CME B 190 23.83 -8.89 7.81
SD CME B 190 22.91 -7.21 8.43
CE CME B 190 23.51 -5.79 7.54
CZ CME B 190 23.72 -6.07 6.05
OH CME B 190 22.57 -5.73 5.23
C CME B 190 22.19 -11.70 5.27
O CME B 190 21.03 -11.77 5.78
N ASP B 191 22.47 -12.19 4.07
CA ASP B 191 21.39 -12.81 3.29
C ASP B 191 21.05 -14.25 3.70
N ILE B 192 20.10 -14.40 4.62
CA ILE B 192 19.70 -15.72 5.08
C ILE B 192 18.91 -16.51 4.03
N PHE B 193 18.49 -15.87 2.95
CA PHE B 193 17.71 -16.54 1.93
C PHE B 193 18.47 -16.76 0.63
N MET B 194 19.79 -16.60 0.67
CA MET B 194 20.60 -16.71 -0.53
C MET B 194 20.60 -18.10 -1.20
N ASN B 195 20.25 -19.14 -0.45
CA ASN B 195 20.24 -20.49 -0.98
C ASN B 195 18.85 -21.08 -1.27
N LEU B 196 17.81 -20.29 -1.10
CA LEU B 196 16.50 -20.69 -1.55
C LEU B 196 16.58 -20.56 -3.06
N THR B 197 15.71 -21.22 -3.80
CA THR B 197 15.64 -20.93 -5.23
C THR B 197 15.07 -19.48 -5.37
N LYS B 198 15.23 -18.90 -6.56
CA LYS B 198 14.63 -17.62 -6.91
C LYS B 198 13.10 -17.75 -6.74
N LYS B 199 12.55 -18.89 -7.17
CA LYS B 199 11.11 -19.14 -6.99
C LYS B 199 10.73 -19.14 -5.52
N GLN B 200 11.46 -19.87 -4.67
CA GLN B 200 11.19 -19.86 -3.24
C GLN B 200 11.24 -18.45 -2.58
N ARG B 201 12.18 -17.59 -2.99
CA ARG B 201 12.31 -16.21 -2.44
C ARG B 201 11.02 -15.43 -2.78
N GLN B 202 10.63 -15.46 -4.05
CA GLN B 202 9.43 -14.80 -4.53
C GLN B 202 8.20 -15.24 -3.70
N THR B 203 8.03 -16.55 -3.52
CA THR B 203 6.91 -17.05 -2.72
C THR B 203 7.02 -16.62 -1.24
N LEU B 204 8.20 -16.74 -0.65
CA LEU B 204 8.36 -16.33 0.76
C LEU B 204 8.07 -14.81 0.94
N ARG B 205 8.59 -14.00 0.04
CA ARG B 205 8.41 -12.58 0.07
C ARG B 205 6.91 -12.29 0.03
N LYS B 206 6.18 -12.86 -0.90
CA LYS B 206 4.73 -12.61 -0.98
C LYS B 206 4.07 -12.98 0.34
N MET B 207 4.40 -14.13 0.87
CA MET B 207 3.80 -14.59 2.11
C MET B 207 4.03 -13.69 3.30
N VAL B 208 5.29 -13.26 3.47
CA VAL B 208 5.70 -12.43 4.56
C VAL B 208 5.05 -11.05 4.47
N ILE B 209 5.05 -10.46 3.25
CA ILE B 209 4.44 -9.16 3.02
C ILE B 209 2.99 -9.21 3.50
N ASP B 210 2.32 -10.27 3.03
CA ASP B 210 0.93 -10.54 3.33
C ASP B 210 0.67 -10.62 4.85
N MET B 211 1.44 -11.44 5.54
CA MET B 211 1.27 -11.65 6.99
C MET B 211 1.53 -10.39 7.79
N VAL B 212 2.62 -9.66 7.48
CA VAL B 212 2.90 -8.47 8.22
C VAL B 212 1.81 -7.37 8.00
N LEU B 213 1.35 -7.21 6.78
CA LEU B 213 0.32 -6.23 6.49
C LEU B 213 -0.94 -6.56 7.25
N ALA B 214 -1.15 -7.87 7.46
CA ALA B 214 -2.28 -8.32 8.25
C ALA B 214 -2.18 -7.97 9.74
N THR B 215 -1.02 -7.50 10.22
CA THR B 215 -0.96 -7.13 11.63
C THR B 215 -1.52 -5.75 11.94
N ASP B 216 -2.00 -5.06 10.93
CA ASP B 216 -2.59 -3.72 11.08
C ASP B 216 -3.98 -3.89 11.69
N MET B 217 -4.21 -3.27 12.84
CA MET B 217 -5.49 -3.46 13.51
C MET B 217 -6.69 -2.98 12.68
N SER B 218 -6.49 -2.12 11.69
CA SER B 218 -7.62 -1.72 10.87
C SER B 218 -8.10 -2.85 9.91
N LYS B 219 -7.35 -3.95 9.82
CA LYS B 219 -7.75 -5.15 9.09
C LYS B 219 -8.45 -6.20 10.01
N HIS B 220 -8.29 -6.07 11.31
CA HIS B 220 -8.75 -7.03 12.30
C HIS B 220 -10.16 -7.56 12.05
N MET B 221 -11.11 -6.68 11.88
CA MET B 221 -12.50 -7.09 11.70
C MET B 221 -12.76 -7.83 10.38
N SER B 222 -11.98 -7.55 9.33
CA SER B 222 -12.16 -8.27 8.07
C SER B 222 -11.45 -9.64 8.13
N LEU B 223 -10.39 -9.72 8.92
CA LEU B 223 -9.70 -10.99 9.12
C LEU B 223 -10.61 -11.94 9.92
N LEU B 224 -11.27 -11.37 10.93
CA LEU B 224 -12.09 -12.09 11.87
C LEU B 224 -13.24 -12.68 11.10
N ALA B 225 -13.95 -11.84 10.36
CA ALA B 225 -15.11 -12.27 9.58
C ALA B 225 -14.77 -13.37 8.59
N ASP B 226 -13.59 -13.27 7.99
CA ASP B 226 -13.15 -14.24 6.98
C ASP B 226 -12.61 -15.51 7.62
N LEU B 227 -12.03 -15.40 8.80
CA LEU B 227 -11.65 -16.58 9.55
C LEU B 227 -12.93 -17.33 9.94
N LYS B 228 -14.02 -16.62 10.24
CA LYS B 228 -15.29 -17.28 10.63
C LYS B 228 -15.86 -18.08 9.45
N THR B 229 -15.87 -17.48 8.26
CA THR B 229 -16.33 -18.14 7.04
C THR B 229 -15.55 -19.44 6.82
N MET B 230 -14.25 -19.39 7.06
CA MET B 230 -13.36 -20.53 6.90
C MET B 230 -13.63 -21.66 7.89
N VAL B 231 -13.88 -21.31 9.15
CA VAL B 231 -14.24 -22.27 10.20
C VAL B 231 -15.53 -22.99 9.79
N GLU B 232 -16.46 -22.25 9.21
CA GLU B 232 -17.76 -22.76 8.82
C GLU B 232 -17.72 -23.83 7.70
N THR B 233 -16.67 -23.82 6.87
CA THR B 233 -16.53 -24.82 5.78
C THR B 233 -15.31 -25.72 6.04
N LYS B 234 -14.88 -25.69 7.30
CA LYS B 234 -13.78 -26.50 7.83
C LYS B 234 -14.06 -27.97 7.58
N LYS B 235 -13.16 -28.57 6.82
CA LYS B 235 -13.20 -29.98 6.52
C LYS B 235 -11.92 -30.56 7.11
N VAL B 236 -12.08 -31.49 8.05
CA VAL B 236 -10.93 -32.16 8.70
C VAL B 236 -10.90 -33.65 8.28
N THR B 237 -9.73 -34.11 7.83
CA THR B 237 -9.51 -35.52 7.45
C THR B 237 -9.91 -36.49 8.58
N SER B 238 -10.02 -37.78 8.27
CA SER B 238 -10.36 -38.80 9.28
C SER B 238 -9.41 -38.81 10.49
N SER B 239 -8.15 -38.41 10.28
CA SER B 239 -7.14 -38.37 11.34
C SER B 239 -7.16 -37.12 12.27
N GLY B 240 -8.09 -36.19 12.08
CA GLY B 240 -8.19 -34.96 12.89
C GLY B 240 -7.33 -33.78 12.46
N VAL B 241 -7.12 -33.64 11.16
CA VAL B 241 -6.26 -32.58 10.60
C VAL B 241 -7.02 -31.73 9.60
N LEU B 242 -6.71 -30.44 9.52
CA LEU B 242 -7.40 -29.58 8.57
C LEU B 242 -6.97 -29.88 7.14
N LEU B 243 -7.96 -29.92 6.26
CA LEU B 243 -7.73 -30.05 4.83
C LEU B 243 -7.79 -28.66 4.19
N LEU B 244 -6.64 -28.09 3.83
CA LEU B 244 -6.58 -26.79 3.15
C LEU B 244 -6.23 -26.93 1.64
N ASP B 245 -7.22 -26.67 0.74
CA ASP B 245 -7.07 -26.82 -0.75
C ASP B 245 -5.74 -26.34 -1.34
N ASN B 246 -5.49 -25.04 -1.38
CA ASN B 246 -4.18 -24.57 -1.87
C ASN B 246 -3.76 -23.28 -1.20
N TYR B 247 -2.99 -22.49 -1.92
CA TYR B 247 -2.36 -21.32 -1.36
C TYR B 247 -3.31 -20.39 -0.60
N THR B 248 -4.47 -20.06 -1.15
CA THR B 248 -5.35 -19.08 -0.51
C THR B 248 -5.71 -19.47 0.89
N ASP B 249 -6.07 -20.73 1.05
CA ASP B 249 -6.49 -21.24 2.33
C ASP B 249 -5.37 -21.27 3.34
N ARG B 250 -4.18 -21.67 2.92
CA ARG B 250 -3.04 -21.77 3.81
C ARG B 250 -2.60 -20.42 4.33
N ILE B 251 -2.45 -19.44 3.42
CA ILE B 251 -1.98 -18.11 3.83
C ILE B 251 -3.03 -17.37 4.67
N GLN B 252 -4.29 -17.75 4.53
CA GLN B 252 -5.33 -17.15 5.36
C GLN B 252 -5.15 -17.61 6.82
N VAL B 253 -4.84 -18.90 7.01
CA VAL B 253 -4.56 -19.44 8.36
C VAL B 253 -3.24 -18.84 8.91
N LEU B 254 -2.22 -18.71 8.07
CA LEU B 254 -0.96 -18.12 8.53
C LEU B 254 -1.12 -16.62 8.90
N ARG B 255 -1.90 -15.87 8.12
CA ARG B 255 -2.16 -14.48 8.45
C ARG B 255 -2.82 -14.43 9.79
N ASN B 256 -3.85 -15.24 10.01
CA ASN B 256 -4.53 -15.18 11.29
C ASN B 256 -3.69 -15.74 12.43
N MET B 257 -2.73 -16.59 12.13
CA MET B 257 -1.91 -17.19 13.16
C MET B 257 -0.97 -16.15 13.77
N VAL B 258 -0.35 -15.36 12.92
CA VAL B 258 0.58 -14.31 13.39
C VAL B 258 -0.21 -13.19 14.09
N HIS B 259 -1.44 -12.94 13.64
CA HIS B 259 -2.34 -11.93 14.23
C HIS B 259 -2.71 -12.38 15.65
N CYS B 260 -3.10 -13.65 15.81
CA CYS B 260 -3.38 -14.20 17.16
C CYS B 260 -2.14 -14.08 18.08
N ALA B 261 -0.98 -14.46 17.56
CA ALA B 261 0.30 -14.36 18.30
C ALA B 261 0.56 -12.95 18.79
N ASP B 262 0.28 -12.00 17.92
CA ASP B 262 0.36 -10.58 18.18
C ASP B 262 -0.65 -10.17 19.28
N LEU B 263 -1.84 -10.74 19.28
CA LEU B 263 -2.85 -10.48 20.30
C LEU B 263 -2.90 -11.63 21.34
N SER B 264 -1.74 -12.27 21.59
CA SER B 264 -1.64 -13.39 22.52
C SER B 264 -1.38 -13.03 23.97
N ASN B 265 -0.93 -11.80 24.26
CA ASN B 265 -0.54 -11.44 25.64
C ASN B 265 -1.56 -11.91 26.75
N PRO B 266 -2.86 -11.64 26.59
CA PRO B 266 -3.87 -12.06 27.57
C PRO B 266 -4.12 -13.56 27.65
N THR B 267 -3.55 -14.35 26.74
CA THR B 267 -3.72 -15.79 26.79
C THR B 267 -2.58 -16.48 27.57
N LYS B 268 -1.55 -15.71 27.93
CA LYS B 268 -0.42 -16.24 28.71
C LYS B 268 -0.74 -16.25 30.20
N SER B 269 0.11 -16.88 31.00
CA SER B 269 -0.14 -16.95 32.46
C SER B 269 -0.32 -15.52 33.00
N LEU B 270 -1.14 -15.36 34.02
CA LEU B 270 -1.42 -14.02 34.57
C LEU B 270 -0.14 -13.21 34.84
N GLU B 271 0.90 -13.82 35.36
CA GLU B 271 2.10 -13.08 35.66
C GLU B 271 2.86 -12.54 34.42
N LEU B 272 2.73 -13.21 33.28
CA LEU B 272 3.32 -12.66 32.05
C LEU B 272 2.41 -11.54 31.52
N TYR B 273 1.10 -11.82 31.47
CA TYR B 273 0.12 -10.87 31.00
C TYR B 273 0.29 -9.53 31.67
N ARG B 274 0.50 -9.51 32.99
CA ARG B 274 0.58 -8.21 33.68
C ARG B 274 1.80 -7.39 33.31
N GLN B 275 2.92 -8.03 33.02
CA GLN B 275 4.13 -7.32 32.58
C GLN B 275 3.92 -6.67 31.21
N TRP B 276 3.19 -7.36 30.35
CA TRP B 276 2.85 -6.82 29.03
C TRP B 276 1.92 -5.60 29.14
N THR B 277 0.96 -5.69 30.06
CA THR B 277 -0.02 -4.64 30.27
C THR B 277 0.66 -3.38 30.72
N ASP B 278 1.53 -3.53 31.68
CA ASP B 278 2.37 -2.45 32.14
C ASP B 278 3.16 -1.81 30.99
N ARG B 279 3.68 -2.64 30.09
CA ARG B 279 4.49 -2.13 28.98
C ARG B 279 3.69 -1.39 27.92
N ILE B 280 2.56 -1.94 27.54
CA ILE B 280 1.75 -1.27 26.55
C ILE B 280 1.17 0.05 27.10
N MET B 281 0.87 0.10 28.40
CA MET B 281 0.33 1.30 29.02
C MET B 281 1.39 2.35 29.11
N GLU B 282 2.61 1.93 29.38
CA GLU B 282 3.66 2.89 29.45
C GLU B 282 3.83 3.49 28.06
N GLU B 283 3.77 2.68 27.01
CA GLU B 283 4.00 3.19 25.65
C GLU B 283 2.86 4.06 25.17
N PHE B 284 1.64 3.65 25.46
CA PHE B 284 0.44 4.40 25.08
C PHE B 284 0.32 5.75 25.83
N PHE B 285 0.67 5.75 27.11
CA PHE B 285 0.62 6.97 27.94
C PHE B 285 1.66 7.99 27.45
N GLN B 286 2.77 7.48 26.91
CA GLN B 286 3.83 8.35 26.34
C GLN B 286 3.32 9.03 25.07
N GLN B 287 2.63 8.25 24.22
CA GLN B 287 2.02 8.83 23.03
C GLN B 287 1.06 9.93 23.51
N GLY B 288 0.29 9.61 24.55
CA GLY B 288 -0.67 10.55 25.13
C GLY B 288 -0.06 11.87 25.52
N ASP B 289 1.12 11.78 26.14
CA ASP B 289 1.83 12.98 26.56
C ASP B 289 2.28 13.79 25.35
N LYS B 290 2.75 13.13 24.29
CA LYS B 290 3.24 13.80 23.06
C LYS B 290 2.10 14.53 22.38
N GLU B 291 0.94 13.89 22.36
CA GLU B 291 -0.27 14.47 21.82
C GLU B 291 -0.61 15.74 22.63
N ARG B 292 -0.43 15.68 23.96
CA ARG B 292 -0.67 16.82 24.82
C ARG B 292 0.30 17.97 24.52
N GLU B 293 1.59 17.66 24.42
CA GLU B 293 2.59 18.67 24.11
C GLU B 293 2.24 19.41 22.82
N ARG B 294 1.51 18.76 21.92
CA ARG B 294 1.13 19.35 20.64
C ARG B 294 -0.31 19.90 20.51
N GLY B 295 -1.15 19.75 21.54
CA GLY B 295 -2.52 20.28 21.52
C GLY B 295 -3.53 19.45 20.71
N MET B 296 -3.15 18.22 20.41
CA MET B 296 -4.01 17.30 19.67
C MET B 296 -5.02 16.66 20.62
N GLU B 297 -5.93 15.85 20.09
CA GLU B 297 -6.90 15.17 20.95
C GLU B 297 -6.30 13.84 21.39
N ILE B 298 -6.46 13.55 22.68
CA ILE B 298 -5.93 12.36 23.29
C ILE B 298 -6.97 11.26 23.20
N SER B 299 -6.61 10.12 22.63
CA SER B 299 -7.50 8.96 22.68
C SER B 299 -7.68 8.61 24.17
N PRO B 300 -8.90 8.30 24.65
CA PRO B 300 -9.15 8.11 26.10
C PRO B 300 -8.33 7.03 26.80
N MET B 301 -7.85 6.02 26.08
CA MET B 301 -7.08 4.94 26.68
C MET B 301 -5.58 5.26 26.73
N CYS B 302 -5.21 6.39 26.16
CA CYS B 302 -3.84 6.88 26.17
C CYS B 302 -3.69 8.08 27.12
N ASP B 303 -4.76 8.39 27.86
CA ASP B 303 -4.80 9.52 28.78
C ASP B 303 -4.39 9.08 30.19
N LYS B 304 -3.13 9.32 30.54
CA LYS B 304 -2.65 8.87 31.85
C LYS B 304 -3.39 9.46 33.05
N HIS B 305 -3.99 10.64 32.88
CA HIS B 305 -4.71 11.32 33.97
C HIS B 305 -6.12 10.77 34.27
N THR B 306 -6.72 10.07 33.30
CA THR B 306 -8.07 9.52 33.47
C THR B 306 -8.26 8.02 33.23
N ALA B 307 -7.49 7.45 32.33
CA ALA B 307 -7.67 6.07 31.93
C ALA B 307 -7.35 4.99 32.95
N SER B 308 -8.29 4.05 32.99
CA SER B 308 -8.23 2.88 33.85
C SER B 308 -7.60 1.76 33.08
N VAL B 309 -6.46 1.30 33.56
CA VAL B 309 -5.73 0.18 32.96
C VAL B 309 -6.60 -1.09 33.03
N GLU B 310 -7.29 -1.28 34.13
CA GLU B 310 -8.06 -2.49 34.37
C GLU B 310 -9.32 -2.56 33.50
N LYS B 311 -10.09 -1.48 33.43
CA LYS B 311 -11.28 -1.45 32.59
C LYS B 311 -10.88 -1.65 31.13
N SER B 312 -9.76 -1.04 30.74
CA SER B 312 -9.25 -1.16 29.35
C SER B 312 -8.81 -2.58 28.92
N GLN B 313 -8.24 -3.35 29.82
CA GLN B 313 -7.87 -4.73 29.51
C GLN B 313 -9.13 -5.61 29.35
N VAL B 314 -10.15 -5.36 30.16
CA VAL B 314 -11.40 -6.14 30.10
C VAL B 314 -12.10 -5.91 28.78
N GLY B 315 -12.14 -4.64 28.34
CA GLY B 315 -12.77 -4.25 27.09
C GLY B 315 -11.98 -4.82 25.91
N PHE B 316 -10.65 -4.90 26.07
CA PHE B 316 -9.75 -5.46 25.08
C PHE B 316 -10.02 -6.94 24.92
N ILE B 317 -10.17 -7.64 26.03
CA ILE B 317 -10.46 -9.07 25.94
C ILE B 317 -11.84 -9.33 25.35
N ASP B 318 -12.86 -8.61 25.81
CA ASP B 318 -14.24 -8.88 25.38
C ASP B 318 -14.56 -8.58 23.93
N TYR B 319 -13.90 -7.57 23.37
CA TYR B 319 -14.25 -7.07 22.04
C TYR B 319 -13.22 -7.34 20.94
N ILE B 320 -12.03 -7.81 21.32
CA ILE B 320 -10.99 -8.08 20.34
C ILE B 320 -10.34 -9.43 20.52
N VAL B 321 -9.67 -9.61 21.66
CA VAL B 321 -8.92 -10.84 21.91
C VAL B 321 -9.79 -12.09 21.97
N HIS B 322 -10.78 -12.13 22.87
CA HIS B 322 -11.68 -13.31 22.99
C HIS B 322 -12.37 -13.71 21.66
N PRO B 323 -13.04 -12.79 20.97
CA PRO B 323 -13.72 -13.16 19.72
C PRO B 323 -12.80 -13.81 18.71
N LEU B 324 -11.57 -13.34 18.65
CA LEU B 324 -10.58 -13.89 17.74
C LEU B 324 -10.14 -15.27 18.19
N TRP B 325 -9.71 -15.37 19.44
CA TRP B 325 -9.20 -16.65 19.94
C TRP B 325 -10.32 -17.69 19.96
N GLU B 326 -11.52 -17.26 20.30
CA GLU B 326 -12.67 -18.18 20.30
C GLU B 326 -12.82 -18.78 18.92
N THR B 327 -12.63 -17.97 17.88
CA THR B 327 -12.67 -18.45 16.50
C THR B 327 -11.47 -19.33 16.13
N TRP B 328 -10.26 -18.99 16.59
CA TRP B 328 -9.11 -19.85 16.35
C TRP B 328 -9.35 -21.22 17.00
N ALA B 329 -9.92 -21.23 18.21
CA ALA B 329 -10.15 -22.45 18.96
C ALA B 329 -11.09 -23.40 18.26
N ASP B 330 -11.98 -22.85 17.43
CA ASP B 330 -12.94 -23.62 16.65
C ASP B 330 -12.30 -24.37 15.49
N LEU B 331 -11.43 -23.65 14.80
CA LEU B 331 -10.66 -24.15 13.68
C LEU B 331 -9.72 -25.26 14.12
N VAL B 332 -9.08 -25.10 15.27
CA VAL B 332 -8.09 -26.07 15.75
C VAL B 332 -8.57 -26.95 16.92
N GLN B 333 -9.88 -26.97 17.15
CA GLN B 333 -10.42 -27.67 18.32
C GLN B 333 -10.00 -29.15 18.31
N PRO B 334 -9.63 -29.69 19.48
CA PRO B 334 -9.69 -29.03 20.79
C PRO B 334 -8.36 -28.39 21.29
N ASP B 335 -7.38 -28.21 20.40
CA ASP B 335 -6.04 -27.77 20.79
C ASP B 335 -5.91 -26.49 21.62
N ALA B 336 -6.75 -25.50 21.35
CA ALA B 336 -6.66 -24.20 22.02
C ALA B 336 -7.61 -24.03 23.21
N GLN B 337 -8.20 -25.11 23.70
CA GLN B 337 -9.10 -24.99 24.85
C GLN B 337 -8.40 -24.38 26.09
N ASP B 338 -7.19 -24.85 26.42
CA ASP B 338 -6.46 -24.34 27.60
C ASP B 338 -6.16 -22.84 27.54
N ILE B 339 -5.89 -22.34 26.35
CA ILE B 339 -5.56 -20.95 26.13
C ILE B 339 -6.77 -20.12 26.43
N LEU B 340 -7.90 -20.63 25.97
CA LEU B 340 -9.17 -19.95 26.12
C LEU B 340 -9.51 -19.86 27.60
N ASP B 341 -9.27 -20.95 28.33
CA ASP B 341 -9.48 -21.01 29.77
C ASP B 341 -8.64 -19.98 30.53
N THR B 342 -7.38 -19.79 30.13
CA THR B 342 -6.50 -18.84 30.83
C THR B 342 -7.03 -17.42 30.58
N LEU B 343 -7.39 -17.16 29.32
CA LEU B 343 -7.94 -15.87 28.86
C LEU B 343 -9.11 -15.45 29.75
N GLU B 344 -10.01 -16.41 29.96
CA GLU B 344 -11.20 -16.23 30.76
C GLU B 344 -10.82 -15.94 32.23
N ASP B 345 -9.86 -16.68 32.80
CA ASP B 345 -9.39 -16.43 34.18
C ASP B 345 -8.63 -15.08 34.26
N ASN B 346 -7.95 -14.68 33.20
CA ASN B 346 -7.24 -13.41 33.21
C ASN B 346 -8.22 -12.24 33.13
N ARG B 347 -9.32 -12.45 32.40
CA ARG B 347 -10.33 -11.41 32.22
C ARG B 347 -11.05 -11.22 33.54
N ASN B 348 -11.36 -12.33 34.19
CA ASN B 348 -11.98 -12.30 35.52
C ASN B 348 -11.03 -11.64 36.54
N TRP B 349 -9.71 -11.78 36.38
CA TRP B 349 -8.80 -11.13 37.32
C TRP B 349 -8.78 -9.62 37.17
N TYR B 350 -8.73 -9.12 35.94
CA TYR B 350 -8.70 -7.68 35.76
C TYR B 350 -10.05 -7.08 36.17
N GLN B 351 -11.13 -7.80 35.88
CA GLN B 351 -12.49 -7.36 36.26
C GLN B 351 -12.58 -7.23 37.77
N SER B 352 -11.97 -8.15 38.52
CA SER B 352 -12.01 -8.07 40.00
C SER B 352 -11.13 -6.94 40.55
N MET B 353 -10.16 -6.48 39.79
CA MET B 353 -9.37 -5.33 40.19
C MET B 353 -10.09 -3.93 40.00
N ILE B 354 -11.28 -3.92 39.39
CA ILE B 354 -12.12 -2.71 39.21
C ILE B 354 -13.13 -2.54 40.35
N PRO B 355 -13.06 -1.44 41.12
CA PRO B 355 -14.14 -1.15 42.11
C PRO B 355 -15.56 -0.99 41.50
ZN ZN C . 0.35 8.46 -16.71
MG MG D . 1.66 6.10 -14.01
CL25 PIL E . 2.68 2.68 -19.36
C24 PIL E . 1.33 2.96 -18.33
C23 PIL E . 1.45 2.62 -17.00
N22 PIL E . 0.41 2.88 -16.20
C21 PIL E . -0.71 3.47 -16.67
C19 PIL E . -0.81 3.79 -18.01
CL20 PIL E . -2.32 4.49 -18.63
C18 PIL E . 0.19 3.52 -18.89
N16 PIL E . 0.13 3.84 -20.25
C15 PIL E . 0.22 2.91 -21.21
O17 PIL E . 0.36 1.72 -20.96
C14 PIL E . 0.24 3.30 -22.65
C13 PIL E . 0.07 4.63 -23.07
C12 PIL E . 0.13 4.95 -24.41
C9 PIL E . 0.35 3.97 -25.38
O10 PIL E . 0.43 4.21 -26.76
C11 PIL E . 0.20 5.51 -27.32
C2 PIL E . 0.51 2.67 -24.97
C1 PIL E . 0.45 2.33 -23.61
O3 PIL E . 0.71 1.74 -25.94
C4 PIL E . 0.74 0.35 -25.64
C5 PIL E . 2.02 -0.01 -24.92
C6 PIL E . 2.97 -0.45 -26.00
C7 PIL E . 2.08 -1.06 -27.06
C8 PIL E . 0.74 -0.43 -26.94
ZN ZN F . 3.24 -6.56 17.25
MG MG G . 2.62 -3.89 14.57
CL25 PIL H . -0.67 -1.63 19.55
C24 PIL H . -1.05 -2.82 18.33
C23 PIL H . -1.06 -2.40 17.02
N22 PIL H . -1.27 -3.31 16.07
C21 PIL H . -1.51 -4.59 16.37
C19 PIL H . -1.55 -5.04 17.69
CL20 PIL H . -1.90 -6.76 18.03
C18 PIL H . -1.31 -4.14 18.70
N16 PIL H . -1.30 -4.54 20.03
C15 PIL H . -2.16 -4.04 20.89
O17 PIL H . -2.97 -3.20 20.55
C14 PIL H . -2.10 -4.45 22.32
C13 PIL H . -1.23 -5.42 22.84
C12 PIL H . -1.25 -5.69 24.19
C9 PIL H . -2.13 -5.03 25.02
O10 PIL H . -2.21 -5.27 26.36
C11 PIL H . -1.52 -6.31 27.03
C2 PIL H . -3.02 -4.09 24.52
C1 PIL H . -2.99 -3.78 23.18
O3 PIL H . -3.89 -3.46 25.39
C4 PIL H . -4.21 -2.08 25.18
C5 PIL H . -4.57 -1.36 26.47
C6 PIL H . -5.35 -0.17 25.99
C7 PIL H . -6.11 -0.66 24.75
C8 PIL H . -5.43 -1.94 24.30
#